data_5A7S
#
_entry.id   5A7S
#
_cell.length_a   57.070
_cell.length_b   100.760
_cell.length_c   149.000
_cell.angle_alpha   90.00
_cell.angle_beta   90.00
_cell.angle_gamma   90.00
#
_symmetry.space_group_name_H-M   'P 2 21 21'
#
loop_
_entity.id
_entity.type
_entity.pdbx_description
1 polymer 'LYSINE-SPECIFIC DEMETHYLASE 4A'
2 non-polymer 'MANGANESE (II) ION'
3 non-polymer 'ZINC ION'
4 non-polymer 1,2-ETHANEDIOL
5 non-polymer '2-(5-acetamido-2-oxidanyl-phenyl)pyridine-4-carboxylic acid'
6 non-polymer 'DIMETHYL SULFOXIDE'
7 water water
#
_entity_poly.entity_id   1
_entity_poly.type   'polypeptide(L)'
_entity_poly.pdbx_seq_one_letter_code
;MHHHHHHSSGVDLGTENLYFQSMASESETLNPSARIMTFYPTMEEFRNFSRYIAYIESQGAHRAGLAKVVPPKEWKPRAS
YDDIDDLVIPAPIQQLVTGQSGLFTQYNIQKKAMTVREFRKIANSDKYCTPRYSEFEELERKYWKNLTFNPPIYGADVNG
TLYEKHVDEWNIGRLRTILDLVEKESGITIEGVNTPYLYFGMWKTSFAWHTEDMDLYSINYLHFGEPKSWYSVPPEHGKR
LERLAKGFFPGSAQSCEAFLRHKMTLISPLMLKKYGIPFDKVTQEAGEFMITFPYGYHAGFNHGFNCAESTNFATRRWIE
YGKQAVLCSCRKDMVKISMDVFVRKFQPERYKLWKAGKDNTVIDHTLPTPEAAEFLKESEL
;
_entity_poly.pdbx_strand_id   A,B
#
loop_
_chem_comp.id
_chem_comp.type
_chem_comp.name
_chem_comp.formula
DMS non-polymer 'DIMETHYL SULFOXIDE' 'C2 H6 O S'
EDO non-polymer 1,2-ETHANEDIOL 'C2 H6 O2'
MN non-polymer 'MANGANESE (II) ION' 'Mn 2'
S2X non-polymer '2-(5-acetamido-2-oxidanyl-phenyl)pyridine-4-carboxylic acid' 'C14 H12 N2 O4'
ZN non-polymer 'ZINC ION' 'Zn 2'
#
# COMPACT_ATOMS: atom_id res chain seq x y z
N PRO A 32 -13.55 -3.05 -6.95
CA PRO A 32 -13.94 -2.48 -8.25
C PRO A 32 -12.85 -2.71 -9.31
N SER A 33 -11.60 -2.54 -8.87
N SER A 33 -11.60 -2.56 -8.91
CA SER A 33 -10.43 -2.89 -9.64
CA SER A 33 -10.50 -2.97 -9.78
C SER A 33 -10.00 -4.31 -9.27
C SER A 33 -10.04 -4.34 -9.31
N ALA A 34 -10.83 -4.94 -8.43
CA ALA A 34 -10.59 -6.29 -7.90
C ALA A 34 -9.22 -6.42 -7.26
N ARG A 35 -8.81 -5.37 -6.55
CA ARG A 35 -7.51 -5.36 -5.92
C ARG A 35 -7.60 -5.78 -4.47
N ILE A 36 -6.51 -6.34 -3.97
CA ILE A 36 -6.52 -6.88 -2.62
C ILE A 36 -6.75 -5.74 -1.65
N MET A 37 -7.72 -5.91 -0.75
CA MET A 37 -8.03 -4.87 0.24
C MET A 37 -7.57 -5.28 1.63
N THR A 38 -7.30 -4.28 2.48
CA THR A 38 -6.85 -4.54 3.84
C THR A 38 -7.82 -3.87 4.80
N PHE A 39 -8.11 -4.52 5.93
CA PHE A 39 -9.12 -4.05 6.87
C PHE A 39 -8.61 -3.98 8.29
N TYR A 40 -9.10 -2.99 9.04
CA TYR A 40 -8.60 -2.80 10.39
C TYR A 40 -9.75 -2.74 11.39
N PRO A 41 -10.29 -3.92 11.76
CA PRO A 41 -11.45 -3.94 12.68
C PRO A 41 -11.14 -3.44 14.09
N THR A 42 -12.11 -2.78 14.71
CA THR A 42 -12.06 -2.49 16.14
C THR A 42 -12.25 -3.80 16.90
N MET A 43 -11.94 -3.80 18.20
CA MET A 43 -12.11 -5.02 18.99
C MET A 43 -13.57 -5.45 19.04
N GLU A 44 -14.49 -4.48 19.10
CA GLU A 44 -15.91 -4.78 19.10
C GLU A 44 -16.31 -5.43 17.78
N GLU A 45 -15.78 -4.91 16.69
CA GLU A 45 -16.03 -5.47 15.37
C GLU A 45 -15.42 -6.85 15.20
N PHE A 46 -14.31 -7.06 15.90
CA PHE A 46 -13.53 -8.29 15.77
C PHE A 46 -14.19 -9.49 16.45
N ARG A 47 -15.22 -9.24 17.25
CA ARG A 47 -15.78 -10.28 18.12
C ARG A 47 -16.55 -11.33 17.33
N ASN A 48 -17.31 -10.87 16.34
CA ASN A 48 -18.18 -11.76 15.57
C ASN A 48 -17.58 -12.06 14.19
N PHE A 49 -16.88 -13.19 14.10
CA PHE A 49 -16.13 -13.55 12.88
C PHE A 49 -17.00 -13.57 11.62
N SER A 50 -18.08 -14.33 11.62
CA SER A 50 -18.98 -14.39 10.46
C SER A 50 -19.49 -13.03 10.01
N ARG A 51 -19.84 -12.18 10.97
CA ARG A 51 -20.41 -10.88 10.65
C ARG A 51 -19.36 -9.98 9.97
N TYR A 52 -18.10 -10.10 10.39
CA TYR A 52 -17.09 -9.22 9.81
C TYR A 52 -16.75 -9.64 8.37
N ILE A 53 -16.73 -10.94 8.11
CA ILE A 53 -16.56 -11.44 6.74
C ILE A 53 -17.72 -10.92 5.88
N ALA A 54 -18.93 -10.94 6.42
CA ALA A 54 -20.04 -10.32 5.71
C ALA A 54 -19.76 -8.84 5.46
N TYR A 55 -19.08 -8.18 6.41
CA TYR A 55 -18.80 -6.76 6.21
C TYR A 55 -17.74 -6.51 5.12
N ILE A 56 -16.61 -7.21 5.18
CA ILE A 56 -15.59 -6.96 4.17
C ILE A 56 -16.12 -7.32 2.78
N GLU A 57 -17.04 -8.28 2.68
CA GLU A 57 -17.64 -8.58 1.38
C GLU A 57 -18.55 -7.44 0.93
N SER A 58 -19.17 -6.74 1.87
CA SER A 58 -20.04 -5.61 1.48
C SER A 58 -19.19 -4.47 0.92
N GLN A 59 -17.91 -4.46 1.30
CA GLN A 59 -16.92 -3.52 0.78
C GLN A 59 -16.28 -4.01 -0.53
N GLY A 60 -16.63 -5.22 -0.96
CA GLY A 60 -16.11 -5.76 -2.20
C GLY A 60 -14.82 -6.56 -2.08
N ALA A 61 -14.37 -6.84 -0.87
CA ALA A 61 -13.12 -7.55 -0.67
C ALA A 61 -13.01 -8.90 -1.41
N HIS A 62 -14.14 -9.57 -1.64
CA HIS A 62 -14.14 -10.89 -2.23
C HIS A 62 -13.76 -10.88 -3.70
N ARG A 63 -13.84 -9.72 -4.33
CA ARG A 63 -13.61 -9.62 -5.76
C ARG A 63 -12.16 -9.91 -6.14
N ALA A 64 -11.24 -9.58 -5.26
CA ALA A 64 -9.82 -9.87 -5.49
C ALA A 64 -9.52 -11.35 -5.28
N GLY A 65 -10.40 -12.01 -4.52
CA GLY A 65 -10.21 -13.40 -4.15
C GLY A 65 -9.32 -13.54 -2.91
N LEU A 66 -8.88 -12.41 -2.36
CA LEU A 66 -7.95 -12.42 -1.24
C LEU A 66 -8.02 -11.08 -0.48
N ALA A 67 -7.99 -11.12 0.85
CA ALA A 67 -8.05 -9.90 1.66
C ALA A 67 -7.24 -10.04 2.93
N LYS A 68 -6.64 -8.94 3.36
CA LYS A 68 -5.92 -8.95 4.61
C LYS A 68 -6.77 -8.32 5.69
N VAL A 69 -6.69 -8.88 6.89
CA VAL A 69 -7.33 -8.33 8.08
C VAL A 69 -6.27 -8.17 9.15
N VAL A 70 -6.07 -6.95 9.62
CA VAL A 70 -5.12 -6.70 10.71
C VAL A 70 -5.94 -6.63 11.99
N PRO A 71 -5.61 -7.50 12.95
CA PRO A 71 -6.36 -7.56 14.20
C PRO A 71 -6.06 -6.36 15.10
N PRO A 72 -7.00 -6.01 16.00
CA PRO A 72 -6.80 -4.91 16.95
C PRO A 72 -5.55 -5.14 17.78
N LYS A 73 -4.91 -4.07 18.21
CA LYS A 73 -3.66 -4.16 18.97
C LYS A 73 -3.87 -4.91 20.28
N GLU A 74 -5.07 -4.76 20.85
CA GLU A 74 -5.44 -5.38 22.11
C GLU A 74 -5.48 -6.93 22.04
N TRP A 75 -5.59 -7.48 20.83
CA TRP A 75 -5.82 -8.90 20.63
C TRP A 75 -4.52 -9.68 20.43
N LYS A 76 -4.44 -10.83 21.09
CA LYS A 76 -3.33 -11.77 20.89
C LYS A 76 -3.88 -13.18 21.10
N PRO A 77 -3.44 -14.15 20.27
CA PRO A 77 -3.98 -15.52 20.32
C PRO A 77 -3.29 -16.42 21.35
N ARG A 78 -2.04 -16.10 21.67
CA ARG A 78 -1.26 -16.85 22.62
C ARG A 78 -0.24 -15.89 23.27
N ALA A 79 -0.07 -16.00 24.59
CA ALA A 79 0.82 -15.10 25.32
C ALA A 79 2.29 -15.17 24.87
N SER A 80 2.80 -16.38 24.62
CA SER A 80 4.18 -16.52 24.12
C SER A 80 4.38 -17.81 23.34
N TYR A 81 5.34 -17.80 22.42
CA TYR A 81 5.59 -18.93 21.53
C TYR A 81 6.87 -19.67 21.93
N ASP A 82 7.28 -19.48 23.19
CA ASP A 82 8.55 -20.02 23.64
C ASP A 82 8.47 -21.48 24.09
N ASP A 83 7.27 -22.01 24.25
CA ASP A 83 7.06 -23.37 24.74
C ASP A 83 6.65 -24.38 23.66
N ILE A 84 7.13 -24.22 22.43
CA ILE A 84 6.73 -25.14 21.35
C ILE A 84 7.92 -25.75 20.64
N ASP A 85 9.13 -25.54 21.15
CA ASP A 85 10.32 -26.11 20.53
C ASP A 85 10.29 -27.64 20.45
N ASP A 86 9.43 -28.27 21.26
CA ASP A 86 9.31 -29.73 21.27
C ASP A 86 8.14 -30.24 20.42
N LEU A 87 7.32 -29.33 19.91
CA LEU A 87 6.26 -29.69 18.98
C LEU A 87 6.87 -30.47 17.82
N VAL A 88 6.22 -31.58 17.46
CA VAL A 88 6.70 -32.42 16.37
C VAL A 88 6.03 -32.08 15.05
N ILE A 89 6.84 -31.87 14.04
CA ILE A 89 6.37 -31.78 12.65
C ILE A 89 6.41 -33.20 12.06
N PRO A 90 5.27 -33.88 12.04
CA PRO A 90 5.23 -35.31 11.67
C PRO A 90 5.76 -35.61 10.26
N ALA A 91 5.36 -34.82 9.26
CA ALA A 91 5.71 -35.13 7.87
C ALA A 91 6.27 -33.92 7.07
N PRO A 92 7.47 -33.47 7.43
CA PRO A 92 8.15 -32.39 6.71
C PRO A 92 8.32 -32.75 5.23
N ILE A 93 8.16 -31.80 4.32
CA ILE A 93 8.33 -32.10 2.89
C ILE A 93 9.45 -31.28 2.26
N GLN A 94 10.32 -31.95 1.51
CA GLN A 94 11.26 -31.20 0.70
C GLN A 94 10.61 -30.83 -0.63
N GLN A 95 10.70 -29.57 -0.99
CA GLN A 95 10.04 -29.06 -2.19
C GLN A 95 11.00 -28.98 -3.37
N LEU A 96 11.00 -30.03 -4.18
CA LEU A 96 11.78 -30.09 -5.41
C LEU A 96 10.98 -29.45 -6.54
N VAL A 97 11.62 -28.59 -7.31
CA VAL A 97 10.92 -27.83 -8.34
C VAL A 97 11.65 -27.95 -9.67
N THR A 98 10.92 -28.31 -10.72
CA THR A 98 11.49 -28.38 -12.05
C THR A 98 10.71 -27.45 -12.98
N GLY A 99 11.41 -26.78 -13.89
CA GLY A 99 10.74 -25.96 -14.88
C GLY A 99 11.58 -24.82 -15.40
N GLN A 100 10.95 -23.96 -16.22
CA GLN A 100 11.64 -22.84 -16.83
C GLN A 100 10.68 -21.78 -17.35
N SER A 101 11.23 -20.60 -17.65
CA SER A 101 10.50 -19.43 -18.13
C SER A 101 9.13 -19.27 -17.46
N GLY A 102 9.15 -19.26 -16.13
CA GLY A 102 7.97 -18.96 -15.34
C GLY A 102 6.99 -20.09 -15.11
N LEU A 103 7.24 -21.28 -15.67
CA LEU A 103 6.34 -22.41 -15.45
C LEU A 103 7.04 -23.55 -14.75
N PHE A 104 6.47 -24.02 -13.65
CA PHE A 104 7.20 -24.99 -12.86
C PHE A 104 6.30 -26.05 -12.29
N THR A 105 6.86 -27.23 -12.06
CA THR A 105 6.14 -28.26 -11.33
C THR A 105 6.92 -28.59 -10.07
N GLN A 106 6.18 -28.70 -8.98
CA GLN A 106 6.72 -28.90 -7.65
C GLN A 106 6.43 -30.29 -7.12
N TYR A 107 7.47 -31.05 -6.79
CA TYR A 107 7.29 -32.38 -6.22
C TYR A 107 7.58 -32.35 -4.72
N ASN A 108 6.57 -32.67 -3.92
CA ASN A 108 6.66 -32.61 -2.47
C ASN A 108 7.11 -33.94 -1.88
N ILE A 109 8.36 -34.01 -1.42
CA ILE A 109 8.93 -35.25 -0.90
C ILE A 109 9.00 -35.33 0.62
N GLN A 110 8.27 -36.28 1.20
CA GLN A 110 8.19 -36.44 2.63
C GLN A 110 9.52 -36.87 3.24
N LYS A 111 9.96 -36.14 4.25
CA LYS A 111 11.18 -36.47 4.99
C LYS A 111 10.82 -36.97 6.40
N LYS A 112 11.83 -37.37 7.17
CA LYS A 112 11.59 -37.88 8.53
C LYS A 112 11.00 -36.81 9.44
N ALA A 113 10.24 -37.23 10.44
CA ALA A 113 9.62 -36.31 11.39
C ALA A 113 10.67 -35.44 12.10
N MET A 114 10.20 -34.36 12.70
CA MET A 114 11.08 -33.28 13.12
C MET A 114 10.43 -32.45 14.20
N THR A 115 11.23 -31.96 15.13
CA THR A 115 10.74 -31.01 16.10
C THR A 115 10.86 -29.62 15.49
N VAL A 116 10.02 -28.69 15.97
CA VAL A 116 10.12 -27.29 15.56
C VAL A 116 11.53 -26.76 15.75
N ARG A 117 12.13 -27.07 16.91
N ARG A 117 12.13 -27.09 16.90
CA ARG A 117 13.49 -26.62 17.21
CA ARG A 117 13.47 -26.63 17.24
C ARG A 117 14.48 -27.10 16.16
C ARG A 117 14.50 -27.12 16.21
N GLU A 118 14.31 -28.33 15.71
CA GLU A 118 15.18 -28.88 14.68
C GLU A 118 14.91 -28.18 13.34
N PHE A 119 13.65 -27.89 13.07
CA PHE A 119 13.27 -27.22 11.83
C PHE A 119 13.85 -25.82 11.80
N ARG A 120 13.55 -25.05 12.85
CA ARG A 120 14.01 -23.67 12.99
C ARG A 120 15.51 -23.51 12.76
N LYS A 121 16.29 -24.44 13.28
CA LYS A 121 17.74 -24.31 13.13
C LYS A 121 18.20 -24.64 11.72
N ILE A 122 17.49 -25.53 11.04
CA ILE A 122 17.72 -25.72 9.62
C ILE A 122 17.32 -24.44 8.87
N ALA A 123 16.14 -23.94 9.19
CA ALA A 123 15.62 -22.75 8.55
C ALA A 123 16.58 -21.57 8.66
N ASN A 124 17.22 -21.39 9.83
CA ASN A 124 18.05 -20.21 10.04
C ASN A 124 19.51 -20.45 9.72
N SER A 125 19.85 -21.71 9.43
CA SER A 125 21.18 -22.06 8.91
C SER A 125 21.56 -21.20 7.70
N ASP A 126 22.86 -21.12 7.41
CA ASP A 126 23.32 -20.26 6.34
C ASP A 126 22.87 -20.80 4.98
N LYS A 127 22.73 -22.11 4.89
CA LYS A 127 22.35 -22.71 3.61
C LYS A 127 20.92 -22.33 3.20
N TYR A 128 20.02 -22.26 4.19
CA TYR A 128 18.59 -22.09 3.93
C TYR A 128 18.00 -20.74 4.32
N CYS A 129 18.77 -19.87 4.96
CA CYS A 129 18.19 -18.63 5.47
C CYS A 129 17.92 -17.62 4.34
N THR A 130 17.05 -16.67 4.61
CA THR A 130 16.74 -15.58 3.68
C THR A 130 17.99 -14.89 3.15
N PRO A 131 18.06 -14.67 1.82
CA PRO A 131 19.17 -13.85 1.29
C PRO A 131 19.05 -12.38 1.66
N ARG A 132 20.09 -11.60 1.39
CA ARG A 132 20.10 -10.17 1.69
C ARG A 132 19.26 -9.47 0.64
N TYR A 133 18.46 -8.50 1.07
CA TYR A 133 17.60 -7.78 0.12
C TYR A 133 17.15 -6.42 0.66
N SER A 134 16.81 -5.53 -0.27
CA SER A 134 16.37 -4.17 0.07
C SER A 134 14.84 -4.08 0.13
N GLU A 135 14.22 -4.26 -1.04
CA GLU A 135 12.77 -4.15 -1.20
C GLU A 135 12.18 -5.53 -1.49
N PHE A 136 10.89 -5.72 -1.20
CA PHE A 136 10.18 -6.97 -1.52
CA PHE A 136 10.28 -7.00 -1.48
C PHE A 136 10.44 -7.37 -2.95
N GLU A 137 10.41 -6.39 -3.86
CA GLU A 137 10.60 -6.66 -5.28
C GLU A 137 11.89 -7.40 -5.56
N GLU A 138 12.91 -7.18 -4.72
CA GLU A 138 14.18 -7.83 -4.91
C GLU A 138 14.10 -9.27 -4.40
N LEU A 139 13.51 -9.45 -3.23
CA LEU A 139 13.32 -10.80 -2.72
C LEU A 139 12.47 -11.61 -3.70
N GLU A 140 11.44 -10.95 -4.23
CA GLU A 140 10.57 -11.57 -5.22
C GLU A 140 11.36 -12.07 -6.43
N ARG A 141 12.24 -11.23 -6.96
CA ARG A 141 13.11 -11.63 -8.05
C ARG A 141 13.99 -12.82 -7.66
N LYS A 142 14.47 -12.81 -6.43
CA LYS A 142 15.35 -13.88 -5.98
C LYS A 142 14.57 -15.18 -5.85
N TYR A 143 13.34 -15.10 -5.36
CA TYR A 143 12.47 -16.28 -5.30
C TYR A 143 12.33 -16.93 -6.68
N TRP A 144 11.92 -16.16 -7.69
CA TRP A 144 11.62 -16.71 -9.01
C TRP A 144 12.87 -17.09 -9.78
N LYS A 145 14.02 -16.58 -9.32
CA LYS A 145 15.29 -16.89 -9.96
C LYS A 145 15.89 -18.18 -9.43
N ASN A 146 15.71 -18.44 -8.14
CA ASN A 146 16.36 -19.56 -7.47
C ASN A 146 15.39 -20.63 -7.01
N LEU A 147 14.16 -20.49 -7.48
CA LEU A 147 13.07 -21.43 -7.25
C LEU A 147 13.48 -22.91 -7.36
N THR A 148 14.22 -23.25 -8.41
CA THR A 148 14.54 -24.65 -8.65
C THR A 148 15.85 -25.10 -8.00
N PHE A 149 16.56 -24.19 -7.32
CA PHE A 149 17.86 -24.51 -6.69
C PHE A 149 17.72 -24.73 -5.19
N ASN A 150 18.49 -25.67 -4.67
CA ASN A 150 18.61 -25.83 -3.22
C ASN A 150 17.26 -26.01 -2.52
N PRO A 151 16.58 -27.13 -2.79
CA PRO A 151 15.21 -27.36 -2.32
C PRO A 151 15.05 -27.22 -0.80
N PRO A 152 14.05 -26.43 -0.40
CA PRO A 152 13.82 -26.20 1.03
C PRO A 152 12.93 -27.26 1.64
N ILE A 153 12.71 -27.14 2.94
CA ILE A 153 11.80 -28.03 3.63
C ILE A 153 10.68 -27.19 4.16
N TYR A 154 9.46 -27.68 3.99
CA TYR A 154 8.27 -27.02 4.48
C TYR A 154 7.61 -27.90 5.51
N GLY A 155 7.53 -27.40 6.74
CA GLY A 155 6.84 -28.11 7.79
C GLY A 155 5.34 -27.94 7.69
N ALA A 156 4.76 -28.50 6.63
CA ALA A 156 3.36 -28.25 6.28
C ALA A 156 2.35 -29.23 6.88
N ASP A 157 1.09 -28.80 6.90
CA ASP A 157 -0.04 -29.67 7.23
C ASP A 157 0.06 -30.35 8.60
N VAL A 158 0.62 -29.66 9.58
CA VAL A 158 0.66 -30.17 10.94
C VAL A 158 -0.68 -29.96 11.63
N ASN A 159 -1.34 -31.04 12.01
CA ASN A 159 -2.57 -30.93 12.79
C ASN A 159 -2.27 -30.20 14.10
N GLY A 160 -3.12 -29.25 14.45
CA GLY A 160 -2.88 -28.48 15.66
C GLY A 160 -3.22 -27.01 15.56
N THR A 161 -3.32 -26.40 16.74
CA THR A 161 -3.59 -24.98 16.90
C THR A 161 -2.54 -24.40 17.85
N LEU A 162 -2.24 -23.11 17.72
CA LEU A 162 -1.38 -22.45 18.70
C LEU A 162 -2.18 -21.44 19.51
N TYR A 163 -3.49 -21.42 19.28
CA TYR A 163 -4.35 -20.59 20.09
C TYR A 163 -4.48 -21.20 21.48
N GLU A 164 -4.60 -20.35 22.49
CA GLU A 164 -4.91 -20.84 23.83
C GLU A 164 -6.43 -21.09 23.90
N LYS A 165 -6.85 -21.98 24.79
CA LYS A 165 -8.24 -22.42 24.85
C LYS A 165 -9.23 -21.28 25.09
N HIS A 166 -8.77 -20.21 25.73
CA HIS A 166 -9.69 -19.15 26.16
C HIS A 166 -9.98 -18.08 25.09
N VAL A 167 -9.20 -18.07 24.00
CA VAL A 167 -9.37 -17.04 22.98
C VAL A 167 -10.61 -17.31 22.14
N ASP A 168 -11.57 -16.39 22.20
CA ASP A 168 -12.84 -16.58 21.52
C ASP A 168 -13.03 -15.75 20.27
N GLU A 169 -12.05 -14.91 19.95
CA GLU A 169 -12.18 -14.08 18.75
C GLU A 169 -11.31 -14.66 17.65
N TRP A 170 -11.91 -14.89 16.50
CA TRP A 170 -11.19 -15.39 15.32
C TRP A 170 -10.36 -16.63 15.65
N ASN A 171 -10.94 -17.53 16.43
CA ASN A 171 -10.25 -18.76 16.80
C ASN A 171 -10.37 -19.77 15.67
N ILE A 172 -9.25 -20.02 15.01
CA ILE A 172 -9.22 -20.84 13.81
C ILE A 172 -9.69 -22.28 14.09
N GLY A 173 -9.57 -22.71 15.35
CA GLY A 173 -10.04 -24.03 15.76
C GLY A 173 -11.55 -24.19 15.90
N ARG A 174 -12.26 -23.07 15.93
CA ARG A 174 -13.71 -23.09 16.14
C ARG A 174 -14.35 -21.78 15.66
N LEU A 175 -14.35 -21.56 14.35
CA LEU A 175 -14.78 -20.29 13.78
C LEU A 175 -16.28 -20.12 13.88
N ARG A 176 -16.98 -21.23 14.11
CA ARG A 176 -18.44 -21.27 14.17
C ARG A 176 -19.08 -20.68 12.92
N THR A 177 -18.80 -21.27 11.76
CA THR A 177 -19.52 -20.94 10.54
C THR A 177 -20.33 -22.17 10.13
N ILE A 178 -21.18 -21.99 9.12
CA ILE A 178 -22.02 -23.06 8.64
C ILE A 178 -21.24 -24.26 8.08
N LEU A 179 -19.92 -24.16 7.95
CA LEU A 179 -19.12 -25.33 7.56
C LEU A 179 -19.18 -26.41 8.63
N ASP A 180 -19.45 -25.98 9.86
CA ASP A 180 -19.55 -26.88 11.00
C ASP A 180 -20.65 -27.92 10.82
N LEU A 181 -21.65 -27.61 10.00
CA LEU A 181 -22.65 -28.58 9.55
C LEU A 181 -22.06 -29.91 9.12
N VAL A 182 -20.88 -29.88 8.51
CA VAL A 182 -20.22 -31.11 8.10
C VAL A 182 -19.98 -32.00 9.34
N GLU A 183 -19.75 -31.38 10.49
CA GLU A 183 -19.56 -32.15 11.70
C GLU A 183 -20.71 -32.07 12.72
N LYS A 184 -21.66 -31.16 12.52
CA LYS A 184 -22.82 -31.07 13.41
C LYS A 184 -23.92 -32.05 12.99
N GLU A 185 -24.36 -31.96 11.74
CA GLU A 185 -25.39 -32.86 11.21
C GLU A 185 -24.81 -34.21 10.77
N SER A 186 -23.70 -34.16 10.02
CA SER A 186 -22.93 -35.35 9.69
C SER A 186 -21.81 -35.46 10.74
N GLY A 187 -21.19 -36.62 10.88
CA GLY A 187 -20.15 -36.75 11.90
C GLY A 187 -18.75 -36.67 11.33
N ILE A 188 -18.59 -35.86 10.27
CA ILE A 188 -17.40 -35.95 9.42
C ILE A 188 -16.32 -34.91 9.76
N THR A 189 -15.10 -35.40 9.93
CA THR A 189 -13.96 -34.54 10.23
C THR A 189 -12.96 -34.57 9.07
N ILE A 190 -12.56 -33.39 8.60
CA ILE A 190 -11.56 -33.32 7.54
C ILE A 190 -10.36 -32.49 7.98
N GLU A 191 -9.24 -33.16 8.21
CA GLU A 191 -7.98 -32.53 8.64
C GLU A 191 -7.58 -31.33 7.77
N GLY A 192 -7.35 -30.19 8.42
CA GLY A 192 -7.02 -28.95 7.74
C GLY A 192 -8.22 -28.21 7.14
N VAL A 193 -9.38 -28.86 7.09
CA VAL A 193 -10.54 -28.27 6.43
C VAL A 193 -11.57 -27.75 7.41
N ASN A 194 -12.01 -28.58 8.36
CA ASN A 194 -12.69 -28.00 9.53
C ASN A 194 -11.88 -28.26 10.80
N THR A 195 -10.61 -28.59 10.66
CA THR A 195 -9.69 -28.59 11.79
C THR A 195 -8.44 -27.77 11.41
N PRO A 196 -7.68 -27.30 12.42
CA PRO A 196 -6.59 -26.39 12.06
C PRO A 196 -5.32 -27.11 11.67
N TYR A 197 -4.56 -26.44 10.80
CA TYR A 197 -3.28 -26.91 10.31
C TYR A 197 -2.22 -25.89 10.68
N LEU A 198 -1.00 -26.34 10.96
CA LEU A 198 0.10 -25.44 11.17
C LEU A 198 1.07 -25.60 10.03
N TYR A 199 1.67 -24.48 9.62
CA TYR A 199 2.65 -24.46 8.56
C TYR A 199 3.89 -23.79 9.08
N PHE A 200 4.97 -24.54 9.19
CA PHE A 200 6.25 -23.96 9.55
C PHE A 200 7.03 -23.77 8.29
N GLY A 201 7.29 -22.52 7.92
CA GLY A 201 8.01 -22.24 6.69
C GLY A 201 9.45 -21.85 6.86
N MET A 202 10.22 -21.99 5.79
CA MET A 202 11.53 -21.36 5.70
C MET A 202 11.60 -20.62 4.38
N TRP A 203 12.70 -19.91 4.15
CA TRP A 203 12.88 -19.14 2.92
C TRP A 203 12.59 -20.00 1.70
N LYS A 204 11.78 -19.48 0.78
CA LYS A 204 11.58 -20.07 -0.53
C LYS A 204 10.67 -21.30 -0.52
N THR A 205 10.02 -21.59 0.61
CA THR A 205 8.99 -22.61 0.60
C THR A 205 7.73 -21.99 -0.02
N SER A 206 7.02 -22.80 -0.81
CA SER A 206 5.96 -22.34 -1.72
C SER A 206 4.65 -23.04 -1.50
N PHE A 207 3.57 -22.33 -1.74
CA PHE A 207 2.29 -22.97 -2.01
C PHE A 207 1.93 -22.67 -3.47
N ALA A 208 1.68 -23.74 -4.21
CA ALA A 208 1.34 -23.66 -5.63
C ALA A 208 -0.05 -23.06 -5.85
N TRP A 209 -0.33 -22.69 -7.10
CA TRP A 209 -1.63 -22.11 -7.47
C TRP A 209 -2.77 -23.08 -7.21
N HIS A 210 -3.77 -22.63 -6.47
CA HIS A 210 -4.91 -23.49 -6.13
C HIS A 210 -6.06 -22.69 -5.59
N THR A 211 -7.27 -23.21 -5.72
CA THR A 211 -8.40 -22.80 -4.88
C THR A 211 -8.53 -23.79 -3.72
N GLU A 212 -9.32 -23.46 -2.71
CA GLU A 212 -9.52 -24.38 -1.58
C GLU A 212 -10.35 -25.59 -2.00
N ASP A 213 -10.22 -26.70 -1.26
CA ASP A 213 -11.09 -27.86 -1.49
C ASP A 213 -12.55 -27.40 -1.49
N MET A 214 -13.33 -27.90 -2.44
CA MET A 214 -14.73 -27.55 -2.59
C MET A 214 -14.93 -26.07 -2.81
N ASP A 215 -13.87 -25.38 -3.19
CA ASP A 215 -13.86 -23.92 -3.40
C ASP A 215 -14.39 -23.18 -2.18
N LEU A 216 -14.04 -23.68 -1.02
CA LEU A 216 -14.34 -23.00 0.24
C LEU A 216 -13.56 -21.68 0.43
N TYR A 217 -13.88 -20.99 1.51
CA TYR A 217 -13.04 -19.91 2.03
C TYR A 217 -11.89 -20.54 2.78
N SER A 218 -10.82 -19.79 2.98
CA SER A 218 -9.83 -20.15 3.98
C SER A 218 -9.42 -18.93 4.77
N ILE A 219 -8.84 -19.19 5.93
CA ILE A 219 -8.34 -18.15 6.81
C ILE A 219 -6.93 -18.58 7.11
N ASN A 220 -6.01 -17.65 7.14
CA ASN A 220 -4.60 -17.95 7.41
C ASN A 220 -4.10 -16.89 8.39
N TYR A 221 -3.57 -17.32 9.54
CA TYR A 221 -3.01 -16.39 10.52
C TYR A 221 -1.54 -16.64 10.66
N LEU A 222 -0.73 -15.61 10.48
CA LEU A 222 0.71 -15.75 10.61
C LEU A 222 1.14 -15.50 12.06
N HIS A 223 1.36 -16.58 12.82
CA HIS A 223 1.63 -16.47 14.26
C HIS A 223 2.89 -15.66 14.57
N PHE A 224 4.00 -16.03 13.94
CA PHE A 224 5.25 -15.35 14.19
C PHE A 224 6.18 -15.57 13.03
N GLY A 225 7.22 -14.74 12.92
CA GLY A 225 8.35 -15.04 12.06
C GLY A 225 8.40 -14.11 10.86
N GLU A 226 9.24 -14.45 9.88
CA GLU A 226 9.37 -13.70 8.63
C GLU A 226 8.06 -13.71 7.82
N PRO A 227 7.92 -12.81 6.83
CA PRO A 227 6.62 -12.71 6.14
C PRO A 227 6.29 -13.84 5.15
N LYS A 228 5.03 -13.86 4.75
CA LYS A 228 4.53 -14.74 3.69
C LYS A 228 3.95 -13.90 2.52
N SER A 229 4.45 -14.11 1.32
CA SER A 229 3.92 -13.30 0.21
C SER A 229 2.94 -14.11 -0.63
N TRP A 230 1.88 -13.44 -1.05
CA TRP A 230 0.74 -14.03 -1.73
C TRP A 230 0.50 -13.43 -3.13
N TYR A 231 0.12 -14.27 -4.09
CA TYR A 231 -0.43 -13.83 -5.37
C TYR A 231 -1.86 -14.26 -5.43
N SER A 232 -2.70 -13.46 -6.07
CA SER A 232 -4.12 -13.75 -6.17
CA SER A 232 -4.11 -13.79 -6.18
C SER A 232 -4.65 -13.45 -7.56
N VAL A 233 -5.61 -14.23 -8.04
CA VAL A 233 -6.30 -13.97 -9.29
C VAL A 233 -7.76 -13.79 -8.92
N PRO A 234 -8.40 -12.70 -9.37
CA PRO A 234 -9.82 -12.55 -9.03
C PRO A 234 -10.64 -13.76 -9.47
N PRO A 235 -11.60 -14.20 -8.63
CA PRO A 235 -12.47 -15.31 -9.00
C PRO A 235 -13.16 -15.09 -10.35
N GLU A 236 -13.44 -13.86 -10.72
CA GLU A 236 -14.10 -13.63 -12.02
C GLU A 236 -13.16 -13.84 -13.20
N HIS A 237 -11.85 -13.98 -12.95
CA HIS A 237 -10.91 -14.36 -14.02
C HIS A 237 -10.20 -15.69 -13.79
N GLY A 238 -10.71 -16.45 -12.81
CA GLY A 238 -10.14 -17.75 -12.51
C GLY A 238 -10.10 -18.72 -13.69
N LYS A 239 -11.17 -18.77 -14.48
CA LYS A 239 -11.21 -19.66 -15.66
C LYS A 239 -10.06 -19.39 -16.63
N ARG A 240 -9.70 -18.13 -16.76
CA ARG A 240 -8.59 -17.75 -17.61
C ARG A 240 -7.30 -18.38 -17.12
N LEU A 241 -7.10 -18.34 -15.80
CA LEU A 241 -5.93 -19.00 -15.22
C LEU A 241 -5.95 -20.49 -15.59
N GLU A 242 -7.13 -21.11 -15.46
CA GLU A 242 -7.25 -22.54 -15.72
C GLU A 242 -6.99 -22.86 -17.19
N ARG A 243 -7.47 -22.02 -18.09
CA ARG A 243 -7.20 -22.23 -19.52
C ARG A 243 -5.71 -22.13 -19.81
N LEU A 244 -5.06 -21.13 -19.21
CA LEU A 244 -3.60 -21.00 -19.32
C LEU A 244 -2.91 -22.29 -18.87
N ALA A 245 -3.20 -22.75 -17.65
CA ALA A 245 -2.57 -23.95 -17.11
C ALA A 245 -2.82 -25.16 -18.02
N LYS A 246 -4.05 -25.34 -18.49
CA LYS A 246 -4.39 -26.45 -19.36
C LYS A 246 -3.57 -26.39 -20.62
N GLY A 247 -3.41 -25.18 -21.16
CA GLY A 247 -2.58 -24.96 -22.33
C GLY A 247 -1.17 -25.51 -22.15
N PHE A 248 -0.54 -25.16 -21.03
CA PHE A 248 0.84 -25.56 -20.78
C PHE A 248 1.00 -26.99 -20.31
N PHE A 249 -0.02 -27.57 -19.69
CA PHE A 249 0.07 -28.95 -19.22
C PHE A 249 -1.04 -29.83 -19.76
N PRO A 250 -1.04 -30.05 -21.09
CA PRO A 250 -2.16 -30.78 -21.72
C PRO A 250 -2.27 -32.22 -21.26
N GLY A 251 -1.16 -32.91 -21.08
CA GLY A 251 -1.20 -34.26 -20.54
C GLY A 251 -1.81 -34.29 -19.15
N SER A 252 -1.45 -33.29 -18.33
CA SER A 252 -2.04 -33.15 -17.00
C SER A 252 -3.54 -32.92 -17.10
N ALA A 253 -3.93 -32.00 -17.97
CA ALA A 253 -5.33 -31.69 -18.21
C ALA A 253 -6.10 -32.92 -18.59
N GLN A 254 -5.47 -33.80 -19.35
CA GLN A 254 -6.17 -34.98 -19.84
C GLN A 254 -6.39 -36.02 -18.75
N SER A 255 -5.42 -36.17 -17.84
CA SER A 255 -5.51 -37.22 -16.83
C SER A 255 -6.28 -36.78 -15.58
N CYS A 256 -6.61 -35.50 -15.48
CA CYS A 256 -7.45 -35.03 -14.36
C CYS A 256 -8.30 -33.81 -14.75
N GLU A 257 -9.53 -33.78 -14.25
CA GLU A 257 -10.46 -32.67 -14.49
C GLU A 257 -10.07 -31.37 -13.77
N ALA A 258 -9.29 -31.50 -12.71
CA ALA A 258 -8.90 -30.35 -11.90
C ALA A 258 -7.48 -30.52 -11.37
N PHE A 259 -6.49 -30.60 -12.26
CA PHE A 259 -5.15 -30.98 -11.85
C PHE A 259 -4.48 -29.89 -10.98
N LEU A 260 -4.96 -28.64 -11.02
CA LEU A 260 -4.41 -27.58 -10.15
C LEU A 260 -4.66 -27.91 -8.69
N ARG A 261 -5.65 -28.75 -8.42
CA ARG A 261 -5.92 -29.23 -7.06
C ARG A 261 -4.82 -30.12 -6.52
N HIS A 262 -3.93 -30.60 -7.40
CA HIS A 262 -2.77 -31.36 -6.92
C HIS A 262 -1.77 -30.44 -6.21
N LYS A 263 -1.90 -29.14 -6.43
CA LYS A 263 -1.08 -28.13 -5.77
C LYS A 263 0.38 -28.35 -6.07
N MET A 264 0.68 -28.53 -7.34
CA MET A 264 2.03 -28.79 -7.81
C MET A 264 2.49 -27.77 -8.84
N THR A 265 1.59 -26.88 -9.23
CA THR A 265 1.83 -25.99 -10.37
C THR A 265 2.21 -24.57 -9.97
N LEU A 266 3.42 -24.14 -10.34
CA LEU A 266 3.87 -22.78 -10.05
C LEU A 266 3.96 -21.93 -11.32
N ILE A 267 3.43 -20.72 -11.25
CA ILE A 267 3.37 -19.86 -12.42
C ILE A 267 3.72 -18.46 -11.94
N SER A 268 4.76 -17.89 -12.54
CA SER A 268 5.30 -16.61 -12.10
C SER A 268 4.41 -15.44 -12.50
N PRO A 269 4.51 -14.32 -11.76
CA PRO A 269 3.76 -13.12 -12.11
C PRO A 269 4.08 -12.62 -13.53
N LEU A 270 5.30 -12.80 -14.02
CA LEU A 270 5.64 -12.35 -15.37
C LEU A 270 4.91 -13.17 -16.43
N MET A 271 4.72 -14.46 -16.17
CA MET A 271 3.95 -15.29 -17.06
C MET A 271 2.48 -14.88 -17.05
N LEU A 272 1.93 -14.59 -15.86
CA LEU A 272 0.55 -14.10 -15.79
C LEU A 272 0.35 -12.79 -16.55
N LYS A 273 1.30 -11.87 -16.41
CA LYS A 273 1.21 -10.58 -17.05
C LYS A 273 1.31 -10.74 -18.58
N LYS A 274 2.21 -11.61 -19.01
CA LYS A 274 2.41 -11.89 -20.43
C LYS A 274 1.12 -12.34 -21.14
N TYR A 275 0.37 -13.21 -20.48
CA TYR A 275 -0.81 -13.79 -21.09
C TYR A 275 -2.07 -13.04 -20.67
N GLY A 276 -1.88 -11.89 -20.05
CA GLY A 276 -2.98 -11.03 -19.70
C GLY A 276 -3.91 -11.51 -18.59
N ILE A 277 -3.47 -12.44 -17.76
CA ILE A 277 -4.26 -12.82 -16.56
C ILE A 277 -4.13 -11.75 -15.48
N PRO A 278 -5.25 -11.14 -15.10
CA PRO A 278 -5.18 -10.15 -14.02
C PRO A 278 -4.83 -10.80 -12.68
N PHE A 279 -4.03 -10.11 -11.88
CA PHE A 279 -3.66 -10.63 -10.58
C PHE A 279 -3.22 -9.51 -9.68
N ASP A 280 -3.07 -9.80 -8.39
CA ASP A 280 -2.54 -8.83 -7.48
C ASP A 280 -1.57 -9.56 -6.54
N LYS A 281 -0.76 -8.83 -5.78
CA LYS A 281 0.14 -9.45 -4.81
C LYS A 281 0.09 -8.72 -3.50
N VAL A 282 0.37 -9.43 -2.41
CA VAL A 282 0.32 -8.84 -1.09
C VAL A 282 1.27 -9.59 -0.16
N THR A 283 1.85 -8.87 0.79
CA THR A 283 2.72 -9.52 1.75
C THR A 283 2.11 -9.44 3.14
N GLN A 284 1.97 -10.63 3.73
CA GLN A 284 1.38 -10.83 5.04
C GLN A 284 2.48 -10.79 6.09
N GLU A 285 2.35 -9.93 7.10
CA GLU A 285 3.34 -9.89 8.18
C GLU A 285 2.84 -10.63 9.41
N ALA A 286 3.76 -10.95 10.33
CA ALA A 286 3.39 -11.63 11.57
C ALA A 286 2.28 -10.88 12.31
N GLY A 287 1.27 -11.61 12.73
CA GLY A 287 0.16 -11.00 13.45
C GLY A 287 -0.98 -10.62 12.53
N GLU A 288 -0.90 -10.99 11.26
CA GLU A 288 -1.94 -10.60 10.32
C GLU A 288 -2.68 -11.80 9.75
N PHE A 289 -3.97 -11.61 9.50
CA PHE A 289 -4.82 -12.60 8.85
C PHE A 289 -4.90 -12.37 7.34
N MET A 290 -4.89 -13.48 6.60
CA MET A 290 -5.30 -13.49 5.20
C MET A 290 -6.57 -14.36 5.04
N ILE A 291 -7.53 -13.85 4.28
CA ILE A 291 -8.75 -14.55 3.95
C ILE A 291 -8.71 -14.83 2.46
N THR A 292 -8.91 -16.09 2.03
CA THR A 292 -9.13 -16.33 0.63
C THR A 292 -10.62 -16.59 0.48
N PHE A 293 -11.15 -16.26 -0.69
CA PHE A 293 -12.57 -16.36 -0.99
C PHE A 293 -12.85 -17.48 -1.98
N PRO A 294 -14.11 -17.96 -2.04
CA PRO A 294 -14.44 -19.07 -2.94
C PRO A 294 -13.97 -18.82 -4.37
N TYR A 295 -13.25 -19.80 -4.88
CA TYR A 295 -12.73 -19.81 -6.25
C TYR A 295 -11.72 -18.69 -6.43
N GLY A 296 -11.04 -18.32 -5.36
CA GLY A 296 -9.97 -17.36 -5.47
C GLY A 296 -8.67 -18.11 -5.59
N TYR A 297 -8.09 -18.18 -6.79
CA TYR A 297 -6.77 -18.79 -6.93
C TYR A 297 -5.70 -17.96 -6.23
N HIS A 298 -4.82 -18.65 -5.51
CA HIS A 298 -3.72 -17.98 -4.86
C HIS A 298 -2.54 -18.91 -4.85
N ALA A 299 -1.38 -18.29 -4.71
CA ALA A 299 -0.10 -18.95 -4.64
C ALA A 299 0.82 -18.02 -3.87
N GLY A 300 1.99 -18.50 -3.48
CA GLY A 300 2.92 -17.62 -2.82
C GLY A 300 4.11 -18.32 -2.22
N PHE A 301 4.82 -17.64 -1.33
CA PHE A 301 6.03 -18.20 -0.76
C PHE A 301 6.40 -17.51 0.56
N ASN A 302 7.17 -18.21 1.40
CA ASN A 302 7.59 -17.66 2.69
C ASN A 302 8.95 -16.99 2.61
N HIS A 303 9.10 -15.89 3.33
CA HIS A 303 10.35 -15.13 3.27
C HIS A 303 11.46 -15.77 4.09
N GLY A 304 11.09 -16.46 5.16
CA GLY A 304 12.05 -17.10 6.05
C GLY A 304 11.29 -17.91 7.06
N PHE A 305 11.93 -18.18 8.19
CA PHE A 305 11.32 -19.01 9.21
C PHE A 305 10.05 -18.35 9.76
N ASN A 306 8.93 -19.07 9.73
CA ASN A 306 7.68 -18.53 10.26
C ASN A 306 6.68 -19.62 10.56
N CYS A 307 5.55 -19.24 11.13
CA CYS A 307 4.54 -20.22 11.45
C CYS A 307 3.18 -19.63 11.18
N ALA A 308 2.37 -20.38 10.44
CA ALA A 308 1.03 -19.96 10.10
C ALA A 308 0.01 -21.03 10.47
N GLU A 309 -1.19 -20.61 10.83
CA GLU A 309 -2.27 -21.51 11.16
C GLU A 309 -3.41 -21.22 10.22
N SER A 310 -4.09 -22.26 9.75
CA SER A 310 -5.20 -22.07 8.83
C SER A 310 -6.22 -23.20 8.84
N THR A 311 -7.39 -22.88 8.30
CA THR A 311 -8.45 -23.84 8.11
C THR A 311 -9.42 -23.26 7.09
N ASN A 312 -10.40 -24.05 6.69
CA ASN A 312 -11.43 -23.57 5.81
C ASN A 312 -12.64 -23.13 6.60
N PHE A 313 -13.55 -22.43 5.94
CA PHE A 313 -14.79 -22.04 6.57
C PHE A 313 -15.74 -21.69 5.44
N ALA A 314 -17.00 -21.40 5.77
CA ALA A 314 -17.96 -21.17 4.70
C ALA A 314 -18.88 -20.04 5.08
N THR A 315 -19.60 -19.51 4.11
CA THR A 315 -20.73 -18.63 4.37
C THR A 315 -21.86 -19.13 3.49
N ARG A 316 -23.02 -18.47 3.53
CA ARG A 316 -24.15 -18.91 2.73
C ARG A 316 -23.84 -18.82 1.22
N ARG A 317 -23.02 -17.84 0.84
CA ARG A 317 -22.58 -17.67 -0.55
C ARG A 317 -21.77 -18.85 -1.07
N TRP A 318 -20.98 -19.47 -0.19
CA TRP A 318 -20.14 -20.58 -0.62
C TRP A 318 -20.95 -21.77 -1.17
N ILE A 319 -22.17 -21.94 -0.68
CA ILE A 319 -22.93 -23.16 -0.99
C ILE A 319 -23.03 -23.42 -2.48
N GLU A 320 -23.36 -22.39 -3.24
CA GLU A 320 -23.45 -22.54 -4.67
C GLU A 320 -22.08 -22.91 -5.28
N TYR A 321 -21.00 -22.42 -4.68
CA TYR A 321 -19.66 -22.78 -5.17
C TYR A 321 -19.40 -24.25 -4.92
N GLY A 322 -19.75 -24.69 -3.70
CA GLY A 322 -19.63 -26.08 -3.34
C GLY A 322 -20.34 -26.98 -4.33
N LYS A 323 -21.54 -26.55 -4.73
CA LYS A 323 -22.38 -27.31 -5.64
C LYS A 323 -21.77 -27.43 -7.03
N GLN A 324 -21.00 -26.42 -7.42
CA GLN A 324 -20.45 -26.37 -8.77
C GLN A 324 -18.96 -26.69 -8.84
N ALA A 325 -18.33 -26.96 -7.71
CA ALA A 325 -16.87 -27.17 -7.68
C ALA A 325 -16.48 -28.35 -8.54
N VAL A 326 -15.41 -28.20 -9.32
CA VAL A 326 -14.91 -29.28 -10.15
C VAL A 326 -13.76 -29.94 -9.40
N LEU A 327 -13.89 -31.24 -9.12
CA LEU A 327 -12.97 -31.90 -8.20
C LEU A 327 -11.90 -32.73 -8.90
N CYS A 328 -10.83 -33.06 -8.20
CA CYS A 328 -9.82 -33.96 -8.74
C CYS A 328 -10.47 -35.30 -9.10
N SER A 329 -10.23 -35.78 -10.32
CA SER A 329 -10.86 -37.02 -10.77
C SER A 329 -9.88 -38.18 -10.85
N CYS A 330 -8.63 -37.98 -10.43
CA CYS A 330 -7.61 -39.01 -10.58
C CYS A 330 -7.07 -39.58 -9.26
N ARG A 331 -7.53 -39.06 -8.14
CA ARG A 331 -7.11 -39.56 -6.83
C ARG A 331 -8.32 -39.91 -5.97
N LYS A 332 -8.19 -40.90 -5.10
CA LYS A 332 -9.28 -41.33 -4.22
C LYS A 332 -9.17 -40.70 -2.82
N ASP A 333 -7.96 -40.31 -2.46
CA ASP A 333 -7.72 -39.74 -1.14
C ASP A 333 -7.94 -38.23 -1.10
N MET A 334 -8.81 -37.71 -1.97
CA MET A 334 -9.01 -36.27 -2.03
C MET A 334 -10.34 -35.82 -1.44
N VAL A 335 -10.42 -34.53 -1.08
CA VAL A 335 -11.53 -33.98 -0.30
C VAL A 335 -12.80 -33.73 -1.11
N LYS A 336 -13.87 -34.41 -0.69
CA LYS A 336 -15.20 -34.22 -1.26
C LYS A 336 -16.21 -34.05 -0.13
N ILE A 337 -16.97 -32.98 -0.19
CA ILE A 337 -17.97 -32.71 0.84
C ILE A 337 -19.35 -32.91 0.24
N SER A 338 -20.15 -33.75 0.87
CA SER A 338 -21.53 -33.93 0.43
C SER A 338 -22.28 -32.62 0.57
N MET A 339 -22.75 -32.07 -0.54
CA MET A 339 -23.44 -30.77 -0.50
C MET A 339 -24.89 -30.90 -0.02
N ASP A 340 -25.37 -32.14 0.01
CA ASP A 340 -26.78 -32.43 0.21
C ASP A 340 -27.37 -31.72 1.43
N VAL A 341 -26.70 -31.88 2.57
CA VAL A 341 -27.19 -31.26 3.79
C VAL A 341 -27.23 -29.73 3.69
N PHE A 342 -26.30 -29.10 2.96
CA PHE A 342 -26.33 -27.62 2.83
C PHE A 342 -27.50 -27.17 1.98
N VAL A 343 -27.73 -27.86 0.87
CA VAL A 343 -28.86 -27.55 0.02
C VAL A 343 -30.16 -27.70 0.82
N ARG A 344 -30.31 -28.85 1.49
CA ARG A 344 -31.51 -29.14 2.28
C ARG A 344 -31.82 -28.01 3.26
N LYS A 345 -30.81 -27.56 4.00
CA LYS A 345 -31.00 -26.60 5.07
C LYS A 345 -31.09 -25.13 4.61
N PHE A 346 -30.35 -24.75 3.57
CA PHE A 346 -30.28 -23.34 3.21
C PHE A 346 -30.92 -22.98 1.90
N GLN A 347 -31.06 -23.97 1.02
CA GLN A 347 -31.80 -23.81 -0.22
C GLN A 347 -32.93 -24.84 -0.36
N PRO A 348 -33.85 -24.90 0.63
CA PRO A 348 -34.85 -25.97 0.60
C PRO A 348 -35.76 -25.89 -0.62
N GLU A 349 -35.98 -24.68 -1.13
CA GLU A 349 -36.83 -24.52 -2.29
C GLU A 349 -36.15 -24.95 -3.58
N ARG A 350 -34.84 -25.19 -3.53
N ARG A 350 -34.84 -25.20 -3.54
CA ARG A 350 -34.10 -25.64 -4.72
CA ARG A 350 -34.13 -25.66 -4.74
C ARG A 350 -33.73 -27.13 -4.66
C ARG A 350 -33.74 -27.14 -4.66
N TYR A 351 -33.97 -27.76 -3.51
CA TYR A 351 -33.47 -29.11 -3.25
C TYR A 351 -33.92 -30.16 -4.25
N LYS A 352 -35.22 -30.23 -4.48
CA LYS A 352 -35.78 -31.15 -5.47
C LYS A 352 -35.20 -30.93 -6.87
N LEU A 353 -35.12 -29.66 -7.28
CA LEU A 353 -34.60 -29.32 -8.60
C LEU A 353 -33.11 -29.71 -8.73
N TRP A 354 -32.34 -29.34 -7.71
CA TRP A 354 -30.92 -29.68 -7.65
C TRP A 354 -30.72 -31.19 -7.69
N LYS A 355 -31.42 -31.90 -6.78
CA LYS A 355 -31.31 -33.34 -6.72
C LYS A 355 -31.67 -34.01 -8.04
N ALA A 356 -32.51 -33.37 -8.84
CA ALA A 356 -32.90 -33.92 -10.13
C ALA A 356 -31.93 -33.53 -11.25
N GLY A 357 -30.96 -32.68 -10.93
CA GLY A 357 -29.94 -32.27 -11.89
C GLY A 357 -30.36 -31.13 -12.79
N LYS A 358 -31.34 -30.35 -12.37
CA LYS A 358 -31.85 -29.27 -13.20
C LYS A 358 -31.62 -27.88 -12.60
N ASP A 359 -30.76 -27.79 -11.59
CA ASP A 359 -30.44 -26.47 -11.03
C ASP A 359 -29.38 -25.80 -11.91
N ASN A 360 -29.77 -24.74 -12.61
CA ASN A 360 -28.86 -24.07 -13.53
C ASN A 360 -28.51 -22.66 -13.06
N THR A 361 -28.48 -22.48 -11.74
CA THR A 361 -27.96 -21.27 -11.13
C THR A 361 -26.58 -20.91 -11.71
N VAL A 362 -26.41 -19.65 -12.10
CA VAL A 362 -25.13 -19.17 -12.58
C VAL A 362 -24.49 -18.32 -11.50
N ILE A 363 -23.23 -18.59 -11.20
CA ILE A 363 -22.54 -17.85 -10.16
C ILE A 363 -22.11 -16.47 -10.67
N ASP A 364 -22.52 -15.42 -9.95
CA ASP A 364 -22.02 -14.07 -10.16
C ASP A 364 -20.99 -13.78 -9.08
N HIS A 365 -19.71 -13.77 -9.47
CA HIS A 365 -18.60 -13.63 -8.51
C HIS A 365 -18.55 -12.27 -7.83
N THR A 366 -19.27 -11.29 -8.35
CA THR A 366 -19.21 -9.93 -7.75
C THR A 366 -20.16 -9.75 -6.57
N LEU A 367 -21.17 -10.60 -6.45
CA LEU A 367 -22.18 -10.47 -5.39
C LEU A 367 -21.66 -10.86 -4.02
N PRO A 368 -21.90 -10.01 -3.01
CA PRO A 368 -21.52 -10.39 -1.65
C PRO A 368 -22.45 -11.46 -1.07
N THR A 369 -21.99 -12.18 -0.07
CA THR A 369 -22.81 -13.17 0.60
C THR A 369 -24.05 -12.48 1.16
N PRO A 370 -25.19 -13.20 1.20
CA PRO A 370 -26.48 -12.71 1.70
C PRO A 370 -26.41 -11.96 3.02
N GLU A 371 -25.61 -12.47 3.97
CA GLU A 371 -25.43 -11.88 5.29
C GLU A 371 -24.96 -10.42 5.25
N ALA A 372 -24.53 -9.97 4.08
CA ALA A 372 -23.99 -8.62 3.94
C ALA A 372 -25.10 -7.61 3.74
N ALA A 373 -26.35 -8.10 3.66
CA ALA A 373 -27.52 -7.22 3.52
C ALA A 373 -27.53 -6.12 4.58
N GLU A 374 -27.25 -6.51 5.82
CA GLU A 374 -27.14 -5.62 6.98
C GLU A 374 -26.35 -4.34 6.71
N PHE A 375 -25.24 -4.46 5.99
CA PHE A 375 -24.36 -3.32 5.70
C PHE A 375 -24.61 -2.69 4.33
N LEU A 376 -25.68 -3.08 3.65
CA LEU A 376 -25.97 -2.55 2.33
C LEU A 376 -27.31 -1.82 2.30
N GLU B 26 24.46 0.59 5.70
CA GLU B 26 24.49 1.86 6.41
C GLU B 26 23.10 2.49 6.39
N SER B 27 22.71 3.02 5.22
CA SER B 27 21.32 3.42 5.00
C SER B 27 20.49 2.14 4.97
N GLU B 28 19.19 2.27 4.69
CA GLU B 28 18.26 1.13 4.68
C GLU B 28 18.01 0.64 6.13
N THR B 29 18.94 0.96 7.03
CA THR B 29 18.75 0.71 8.47
C THR B 29 18.37 2.00 9.20
N LEU B 30 18.57 3.14 8.52
CA LEU B 30 18.14 4.44 9.02
C LEU B 30 16.69 4.72 8.65
N ASN B 31 15.88 5.09 9.64
CA ASN B 31 14.44 5.28 9.48
C ASN B 31 13.78 4.14 8.67
N PRO B 32 13.87 2.90 9.17
CA PRO B 32 13.36 1.78 8.39
C PRO B 32 11.83 1.74 8.36
N SER B 33 11.19 2.51 9.24
CA SER B 33 9.74 2.68 9.23
C SER B 33 9.32 3.77 8.23
N ALA B 34 10.29 4.52 7.73
CA ALA B 34 10.03 5.64 6.82
C ALA B 34 8.98 6.57 7.39
N ARG B 35 9.04 6.77 8.71
CA ARG B 35 8.12 7.66 9.41
C ARG B 35 8.58 9.10 9.25
N ILE B 36 7.63 10.05 9.26
CA ILE B 36 7.98 11.47 9.23
C ILE B 36 8.78 11.88 10.46
N MET B 37 10.01 12.33 10.26
CA MET B 37 10.84 12.79 11.38
C MET B 37 10.72 14.30 11.62
N THR B 38 10.95 14.72 12.85
CA THR B 38 10.92 16.11 13.24
C THR B 38 12.27 16.51 13.84
N PHE B 39 12.79 17.66 13.44
CA PHE B 39 14.13 18.08 13.87
C PHE B 39 14.09 19.43 14.54
N TYR B 40 15.01 19.60 15.47
CA TYR B 40 15.10 20.80 16.28
C TYR B 40 16.53 21.29 16.28
N PRO B 41 16.94 21.96 15.18
CA PRO B 41 18.32 22.40 15.07
C PRO B 41 18.62 23.57 16.01
N THR B 42 19.82 23.57 16.59
CA THR B 42 20.33 24.77 17.24
C THR B 42 20.58 25.86 16.20
N MET B 43 20.80 27.08 16.66
CA MET B 43 21.02 28.20 15.76
C MET B 43 22.29 28.03 14.90
N GLU B 44 23.25 27.24 15.39
CA GLU B 44 24.47 26.99 14.65
C GLU B 44 24.26 25.91 13.59
N GLU B 45 23.34 24.98 13.85
CA GLU B 45 23.00 23.96 12.86
C GLU B 45 22.15 24.59 11.76
N PHE B 46 21.35 25.58 12.15
CA PHE B 46 20.36 26.23 11.30
C PHE B 46 20.93 27.25 10.31
N ARG B 47 22.20 27.60 10.49
CA ARG B 47 22.81 28.66 9.68
C ARG B 47 22.98 28.23 8.22
N ASN B 48 23.41 26.99 8.03
CA ASN B 48 23.72 26.48 6.69
C ASN B 48 22.63 25.53 6.21
N PHE B 49 21.84 26.00 5.26
CA PHE B 49 20.65 25.28 4.81
C PHE B 49 21.02 23.94 4.20
N SER B 50 21.85 23.98 3.17
CA SER B 50 22.22 22.76 2.47
C SER B 50 22.91 21.76 3.38
N ARG B 51 23.74 22.24 4.29
CA ARG B 51 24.39 21.35 5.25
C ARG B 51 23.33 20.63 6.08
N TYR B 52 22.33 21.36 6.56
CA TYR B 52 21.32 20.72 7.41
C TYR B 52 20.42 19.75 6.63
N ILE B 53 20.15 20.03 5.35
CA ILE B 53 19.36 19.07 4.55
C ILE B 53 20.16 17.78 4.41
N ALA B 54 21.46 17.95 4.17
CA ALA B 54 22.34 16.80 4.11
C ALA B 54 22.30 16.03 5.44
N TYR B 55 22.28 16.76 6.55
CA TYR B 55 22.23 16.10 7.86
C TYR B 55 20.92 15.33 8.09
N ILE B 56 19.77 15.91 7.78
CA ILE B 56 18.53 15.17 8.04
C ILE B 56 18.43 13.93 7.14
N GLU B 57 19.06 13.97 5.96
CA GLU B 57 19.13 12.77 5.10
C GLU B 57 20.12 11.71 5.65
N SER B 58 21.14 12.12 6.37
CA SER B 58 22.02 11.14 7.02
C SER B 58 21.30 10.44 8.18
N GLN B 59 20.24 11.08 8.67
CA GLN B 59 19.38 10.45 9.67
C GLN B 59 18.19 9.68 9.05
N GLY B 60 18.11 9.64 7.71
CA GLY B 60 17.05 8.88 7.05
C GLY B 60 15.70 9.59 6.87
N ALA B 61 15.67 10.90 7.13
CA ALA B 61 14.44 11.69 7.04
C ALA B 61 13.79 11.60 5.64
N HIS B 62 14.63 11.54 4.62
CA HIS B 62 14.13 11.56 3.24
C HIS B 62 13.26 10.35 2.94
N ARG B 63 13.46 9.27 3.69
CA ARG B 63 12.71 8.04 3.44
C ARG B 63 11.23 8.23 3.65
N ALA B 64 10.86 9.14 4.54
CA ALA B 64 9.44 9.44 4.74
C ALA B 64 8.83 10.19 3.54
N GLY B 65 9.67 10.90 2.77
CA GLY B 65 9.20 11.82 1.72
C GLY B 65 8.97 13.24 2.25
N LEU B 66 8.84 13.37 3.56
CA LEU B 66 8.44 14.60 4.22
C LEU B 66 9.11 14.70 5.61
N ALA B 67 9.61 15.88 5.97
CA ALA B 67 10.17 16.11 7.31
C ALA B 67 9.80 17.48 7.83
N LYS B 68 9.65 17.60 9.14
CA LYS B 68 9.39 18.88 9.79
C LYS B 68 10.65 19.42 10.43
N VAL B 69 10.93 20.70 10.21
CA VAL B 69 12.07 21.29 10.89
C VAL B 69 11.60 22.48 11.72
N VAL B 70 11.77 22.38 13.03
CA VAL B 70 11.39 23.48 13.91
C VAL B 70 12.60 24.37 14.16
N PRO B 71 12.56 25.61 13.68
CA PRO B 71 13.70 26.51 13.84
C PRO B 71 13.91 26.91 15.30
N PRO B 72 15.12 27.37 15.65
CA PRO B 72 15.38 27.85 17.01
C PRO B 72 14.41 28.98 17.37
N LYS B 73 13.85 28.92 18.58
CA LYS B 73 12.84 29.88 19.02
C LYS B 73 13.29 31.34 18.87
N GLU B 74 14.61 31.57 18.92
CA GLU B 74 15.15 32.91 18.80
C GLU B 74 15.13 33.44 17.35
N TRP B 75 14.66 32.61 16.42
CA TRP B 75 14.71 32.98 15.02
C TRP B 75 13.36 33.43 14.49
N LYS B 76 13.40 34.43 13.63
CA LYS B 76 12.21 34.96 12.95
C LYS B 76 12.62 35.52 11.59
N PRO B 77 11.81 35.28 10.55
CA PRO B 77 12.03 35.79 9.19
C PRO B 77 11.51 37.20 8.97
N ARG B 78 10.64 37.63 9.88
CA ARG B 78 10.01 38.93 9.78
C ARG B 78 9.55 39.37 11.17
N ALA B 79 9.77 40.63 11.48
CA ALA B 79 9.47 41.15 12.81
C ALA B 79 7.96 41.30 13.00
N SER B 80 7.26 41.75 11.96
CA SER B 80 5.81 41.96 12.04
C SER B 80 5.07 41.66 10.74
N TYR B 81 3.94 40.96 10.84
CA TYR B 81 3.09 40.71 9.69
C TYR B 81 1.87 41.61 9.66
N ASP B 82 1.86 42.63 10.51
CA ASP B 82 0.71 43.52 10.57
C ASP B 82 0.74 44.57 9.47
N ASP B 83 1.57 44.38 8.46
CA ASP B 83 1.62 45.38 7.39
C ASP B 83 1.26 44.83 6.01
N ILE B 84 0.51 43.73 5.94
CA ILE B 84 0.31 43.05 4.66
C ILE B 84 -1.15 42.94 4.20
N ASP B 85 -2.04 43.62 4.90
CA ASP B 85 -3.47 43.60 4.54
C ASP B 85 -3.72 44.12 3.13
N ASP B 86 -2.82 44.95 2.61
CA ASP B 86 -3.01 45.53 1.29
C ASP B 86 -2.34 44.70 0.18
N LEU B 87 -1.65 43.63 0.58
CA LEU B 87 -1.02 42.74 -0.39
C LEU B 87 -2.09 42.15 -1.32
N VAL B 88 -1.85 42.23 -2.61
CA VAL B 88 -2.81 41.71 -3.58
C VAL B 88 -2.61 40.20 -3.85
N ILE B 89 -3.72 39.48 -3.86
CA ILE B 89 -3.79 38.11 -4.35
C ILE B 89 -4.44 38.15 -5.71
N PRO B 90 -3.65 38.08 -6.79
CA PRO B 90 -4.14 38.38 -8.15
C PRO B 90 -5.09 37.32 -8.72
N ALA B 91 -4.93 36.08 -8.28
CA ALA B 91 -5.69 34.97 -8.84
C ALA B 91 -6.16 34.05 -7.72
N PRO B 92 -7.15 34.51 -6.94
CA PRO B 92 -7.72 33.62 -5.94
C PRO B 92 -8.42 32.45 -6.64
N ILE B 93 -8.42 31.30 -5.98
CA ILE B 93 -8.92 30.10 -6.61
C ILE B 93 -10.04 29.52 -5.76
N GLN B 94 -11.22 29.33 -6.34
CA GLN B 94 -12.24 28.64 -5.61
C GLN B 94 -12.18 27.13 -5.92
N GLN B 95 -12.12 26.34 -4.86
CA GLN B 95 -11.85 24.90 -5.01
C GLN B 95 -13.13 24.08 -4.98
N LEU B 96 -13.62 23.72 -6.16
CA LEU B 96 -14.76 22.81 -6.23
C LEU B 96 -14.35 21.33 -6.24
N VAL B 97 -14.74 20.61 -5.20
CA VAL B 97 -14.35 19.23 -5.08
C VAL B 97 -15.54 18.31 -5.34
N THR B 98 -15.32 17.31 -6.19
CA THR B 98 -16.32 16.35 -6.62
C THR B 98 -15.86 14.92 -6.36
N GLY B 99 -16.76 14.10 -5.86
CA GLY B 99 -16.49 12.69 -5.64
C GLY B 99 -17.13 12.13 -4.39
N GLN B 100 -16.67 10.96 -3.98
CA GLN B 100 -17.32 10.21 -2.88
C GLN B 100 -16.43 9.06 -2.41
N SER B 101 -16.66 8.65 -1.17
CA SER B 101 -15.97 7.51 -0.56
C SER B 101 -14.46 7.56 -0.75
N GLY B 102 -13.85 8.66 -0.33
CA GLY B 102 -12.40 8.81 -0.27
C GLY B 102 -11.68 9.14 -1.56
N LEU B 103 -12.43 9.35 -2.65
CA LEU B 103 -11.84 9.64 -3.94
C LEU B 103 -12.42 10.89 -4.57
N PHE B 104 -11.58 11.87 -4.87
CA PHE B 104 -12.14 13.12 -5.36
C PHE B 104 -11.30 13.75 -6.43
N THR B 105 -11.97 14.58 -7.24
CA THR B 105 -11.29 15.42 -8.18
C THR B 105 -11.63 16.88 -7.84
N GLN B 106 -10.58 17.71 -7.80
CA GLN B 106 -10.70 19.10 -7.39
C GLN B 106 -10.58 20.00 -8.60
N TYR B 107 -11.62 20.78 -8.85
CA TYR B 107 -11.61 21.75 -9.95
C TYR B 107 -11.36 23.16 -9.40
N ASN B 108 -10.47 23.88 -10.08
CA ASN B 108 -10.06 25.21 -9.66
C ASN B 108 -10.77 26.31 -10.43
N ILE B 109 -11.54 27.12 -9.72
CA ILE B 109 -12.29 28.20 -10.35
C ILE B 109 -11.65 29.53 -10.00
N GLN B 110 -11.07 30.20 -11.00
CA GLN B 110 -10.37 31.45 -10.75
C GLN B 110 -11.35 32.58 -10.51
N LYS B 111 -11.14 33.23 -9.38
CA LYS B 111 -11.90 34.41 -8.99
C LYS B 111 -11.06 35.66 -9.21
N LYS B 112 -11.66 36.84 -9.12
CA LYS B 112 -10.95 38.08 -9.38
C LYS B 112 -10.04 38.45 -8.23
N ALA B 113 -9.10 39.36 -8.50
CA ALA B 113 -8.09 39.73 -7.52
C ALA B 113 -8.68 40.19 -6.18
N MET B 114 -7.84 40.24 -5.15
CA MET B 114 -8.35 40.35 -3.82
C MET B 114 -7.19 40.65 -2.89
N THR B 115 -7.42 41.52 -1.91
CA THR B 115 -6.38 41.84 -0.93
C THR B 115 -6.40 40.84 0.21
N VAL B 116 -5.29 40.76 0.95
CA VAL B 116 -5.20 39.87 2.07
C VAL B 116 -6.26 40.21 3.12
N ARG B 117 -6.59 41.49 3.25
CA ARG B 117 -7.60 41.90 4.20
C ARG B 117 -8.95 41.36 3.73
N GLU B 118 -9.20 41.47 2.43
CA GLU B 118 -10.45 40.92 1.88
C GLU B 118 -10.52 39.40 2.10
N PHE B 119 -9.40 38.71 1.84
CA PHE B 119 -9.36 37.27 1.99
C PHE B 119 -9.63 36.86 3.42
N ARG B 120 -8.97 37.53 4.36
CA ARG B 120 -9.14 37.23 5.78
C ARG B 120 -10.61 37.38 6.21
N LYS B 121 -11.28 38.39 5.66
CA LYS B 121 -12.67 38.67 6.00
C LYS B 121 -13.54 37.49 5.58
N ILE B 122 -13.41 37.08 4.33
CA ILE B 122 -14.10 35.88 3.88
C ILE B 122 -13.73 34.66 4.74
N ALA B 123 -12.43 34.45 4.97
CA ALA B 123 -11.94 33.27 5.68
C ALA B 123 -12.50 33.11 7.08
N ASN B 124 -12.72 34.25 7.74
CA ASN B 124 -13.13 34.26 9.14
C ASN B 124 -14.64 34.40 9.30
N SER B 125 -15.34 34.66 8.20
CA SER B 125 -16.79 34.72 8.19
C SER B 125 -17.40 33.42 8.69
N ASP B 126 -18.66 33.45 9.09
CA ASP B 126 -19.32 32.28 9.63
C ASP B 126 -19.39 31.17 8.58
N LYS B 127 -19.63 31.57 7.34
N LYS B 127 -19.63 31.57 7.34
CA LYS B 127 -19.76 30.62 6.24
CA LYS B 127 -19.76 30.63 6.23
C LYS B 127 -18.50 29.78 6.04
C LYS B 127 -18.51 29.79 6.04
N TYR B 128 -17.34 30.43 6.05
CA TYR B 128 -16.10 29.75 5.71
C TYR B 128 -15.13 29.40 6.81
N CYS B 129 -15.45 29.71 8.07
CA CYS B 129 -14.42 29.62 9.11
C CYS B 129 -14.32 28.22 9.70
N THR B 130 -13.28 28.00 10.49
CA THR B 130 -13.01 26.70 11.09
C THR B 130 -14.15 26.25 12.01
N PRO B 131 -14.62 25.01 11.85
CA PRO B 131 -15.57 24.46 12.81
C PRO B 131 -14.92 24.13 14.15
N ARG B 132 -15.72 24.12 15.22
CA ARG B 132 -15.24 23.76 16.54
C ARG B 132 -14.94 22.26 16.60
N TYR B 133 -14.03 21.86 17.49
CA TYR B 133 -13.59 20.46 17.56
C TYR B 133 -12.65 20.22 18.75
N SER B 134 -12.59 18.97 19.21
CA SER B 134 -11.65 18.58 20.26
C SER B 134 -10.26 18.23 19.68
N GLU B 135 -10.02 16.95 19.43
CA GLU B 135 -8.75 16.47 18.90
C GLU B 135 -8.64 16.70 17.38
N PHE B 136 -7.42 16.67 16.86
CA PHE B 136 -7.18 16.85 15.42
C PHE B 136 -7.96 15.83 14.59
N GLU B 137 -8.09 14.62 15.12
CA GLU B 137 -8.77 13.55 14.41
C GLU B 137 -10.22 13.92 14.11
N GLU B 138 -10.78 14.80 14.94
CA GLU B 138 -12.13 15.29 14.73
C GLU B 138 -12.18 16.28 13.57
N LEU B 139 -11.22 17.19 13.51
CA LEU B 139 -11.16 18.15 12.42
C LEU B 139 -10.87 17.41 11.10
N GLU B 140 -9.98 16.41 11.17
CA GLU B 140 -9.65 15.58 10.04
C GLU B 140 -10.87 14.87 9.47
N ARG B 141 -11.65 14.22 10.35
CA ARG B 141 -12.94 13.61 9.98
C ARG B 141 -13.87 14.60 9.31
N LYS B 142 -13.93 15.81 9.86
CA LYS B 142 -14.79 16.87 9.32
C LYS B 142 -14.32 17.34 7.96
N TYR B 143 -13.00 17.37 7.77
CA TYR B 143 -12.47 17.74 6.48
C TYR B 143 -12.92 16.72 5.41
N TRP B 144 -12.72 15.43 5.67
CA TRP B 144 -13.04 14.40 4.67
C TRP B 144 -14.54 14.15 4.50
N LYS B 145 -15.32 14.59 5.48
CA LYS B 145 -16.77 14.55 5.38
C LYS B 145 -17.32 15.73 4.54
N ASN B 146 -16.73 16.91 4.67
CA ASN B 146 -17.35 18.11 4.10
C ASN B 146 -16.59 18.77 2.95
N LEU B 147 -15.56 18.08 2.49
N LEU B 147 -15.55 18.13 2.44
CA LEU B 147 -14.65 18.54 1.44
CA LEU B 147 -14.68 18.79 1.47
C LEU B 147 -15.36 19.01 0.17
C LEU B 147 -15.39 19.08 0.14
N THR B 148 -16.48 18.37 -0.16
CA THR B 148 -17.22 18.70 -1.38
C THR B 148 -18.30 19.78 -1.18
N PHE B 149 -18.52 20.24 0.05
CA PHE B 149 -19.54 21.27 0.30
C PHE B 149 -18.90 22.63 0.52
N ASN B 150 -19.62 23.68 0.13
CA ASN B 150 -19.22 25.06 0.46
C ASN B 150 -17.79 25.41 0.03
N PRO B 151 -17.52 25.36 -1.28
CA PRO B 151 -16.17 25.49 -1.83
C PRO B 151 -15.42 26.74 -1.38
N PRO B 152 -14.25 26.53 -0.77
CA PRO B 152 -13.46 27.63 -0.21
C PRO B 152 -12.64 28.35 -1.28
N ILE B 153 -11.99 29.43 -0.88
CA ILE B 153 -11.08 30.14 -1.77
C ILE B 153 -9.66 30.00 -1.23
N TYR B 154 -8.74 29.63 -2.13
CA TYR B 154 -7.35 29.49 -1.76
C TYR B 154 -6.60 30.59 -2.49
N GLY B 155 -5.88 31.42 -1.73
CA GLY B 155 -5.08 32.47 -2.33
C GLY B 155 -3.71 31.90 -2.63
N ALA B 156 -3.66 31.03 -3.65
CA ALA B 156 -2.44 30.28 -3.94
C ALA B 156 -1.63 30.90 -5.07
N ASP B 157 -0.35 30.53 -5.13
CA ASP B 157 0.54 30.95 -6.22
C ASP B 157 0.71 32.46 -6.26
N VAL B 158 0.84 33.09 -5.10
CA VAL B 158 1.13 34.51 -5.09
C VAL B 158 2.64 34.73 -5.11
N ASN B 159 3.13 35.35 -6.18
CA ASN B 159 4.54 35.65 -6.32
C ASN B 159 4.99 36.59 -5.23
N GLY B 160 5.94 36.17 -4.39
CA GLY B 160 6.42 37.04 -3.33
C GLY B 160 7.09 36.34 -2.18
N THR B 161 7.77 37.12 -1.36
CA THR B 161 8.36 36.62 -0.12
C THR B 161 7.93 37.50 1.03
N LEU B 162 7.88 36.92 2.23
CA LEU B 162 7.64 37.71 3.43
C LEU B 162 8.87 37.71 4.32
N TYR B 163 10.00 37.26 3.79
CA TYR B 163 11.28 37.37 4.49
C TYR B 163 11.81 38.79 4.36
N GLU B 164 12.32 39.34 5.46
CA GLU B 164 13.00 40.61 5.39
C GLU B 164 14.36 40.39 4.68
N LYS B 165 14.82 41.38 3.93
CA LYS B 165 15.94 41.20 3.01
C LYS B 165 17.27 40.83 3.68
N HIS B 166 17.39 41.08 4.97
CA HIS B 166 18.65 40.79 5.66
C HIS B 166 18.75 39.35 6.21
N VAL B 167 17.62 38.64 6.27
CA VAL B 167 17.61 37.30 6.85
C VAL B 167 18.38 36.29 5.97
N ASP B 168 19.43 35.70 6.51
CA ASP B 168 20.33 34.85 5.72
C ASP B 168 20.17 33.35 6.00
N GLU B 169 19.33 33.01 6.98
CA GLU B 169 19.07 31.61 7.30
C GLU B 169 17.75 31.15 6.66
N TRP B 170 17.82 30.03 5.94
CA TRP B 170 16.62 29.38 5.39
C TRP B 170 15.73 30.38 4.66
N ASN B 171 16.36 31.26 3.90
CA ASN B 171 15.63 32.26 3.14
C ASN B 171 15.13 31.66 1.85
N ILE B 172 13.81 31.46 1.79
CA ILE B 172 13.16 30.74 0.70
C ILE B 172 13.38 31.47 -0.63
N GLY B 173 13.62 32.78 -0.55
CA GLY B 173 13.94 33.57 -1.73
C GLY B 173 15.33 33.31 -2.30
N ARG B 174 16.27 32.85 -1.48
CA ARG B 174 17.65 32.63 -1.98
C ARG B 174 18.35 31.54 -1.16
N LEU B 175 18.02 30.29 -1.46
CA LEU B 175 18.50 29.14 -0.70
C LEU B 175 19.90 28.68 -1.14
N ARG B 176 20.30 29.13 -2.33
CA ARG B 176 21.63 28.87 -2.88
C ARG B 176 21.95 27.40 -3.07
N THR B 177 20.97 26.61 -3.51
CA THR B 177 21.25 25.20 -3.80
C THR B 177 21.63 25.09 -5.27
N ILE B 178 22.01 23.90 -5.70
CA ILE B 178 22.41 23.72 -7.09
C ILE B 178 21.27 23.92 -8.09
N LEU B 179 20.02 24.00 -7.63
CA LEU B 179 18.91 24.38 -8.52
C LEU B 179 19.17 25.79 -9.12
N ASP B 180 19.97 26.61 -8.43
CA ASP B 180 20.42 27.92 -8.95
C ASP B 180 21.08 27.81 -10.31
N LEU B 181 21.55 26.62 -10.65
CA LEU B 181 22.21 26.38 -11.92
C LEU B 181 21.27 26.62 -13.12
N VAL B 182 19.97 26.51 -12.90
CA VAL B 182 19.02 26.70 -13.99
C VAL B 182 19.03 28.17 -14.45
N GLU B 183 18.76 29.08 -13.54
CA GLU B 183 18.81 30.50 -13.85
C GLU B 183 20.24 30.91 -14.28
N LYS B 184 21.25 30.41 -13.58
CA LYS B 184 22.63 30.73 -13.87
C LYS B 184 22.99 30.44 -15.33
N GLU B 185 22.72 29.21 -15.76
CA GLU B 185 23.03 28.80 -17.13
C GLU B 185 22.11 29.38 -18.21
N SER B 186 20.83 29.62 -17.91
CA SER B 186 19.88 29.95 -18.97
C SER B 186 19.07 31.23 -18.74
N GLY B 187 19.17 31.82 -17.55
CA GLY B 187 18.40 33.02 -17.23
C GLY B 187 16.93 32.78 -16.95
N ILE B 188 16.52 31.51 -17.00
CA ILE B 188 15.12 31.18 -16.89
C ILE B 188 14.67 31.13 -15.42
N THR B 189 13.63 31.90 -15.13
CA THR B 189 12.95 31.78 -13.86
C THR B 189 11.63 31.06 -14.10
N ILE B 190 11.32 30.20 -13.14
CA ILE B 190 10.13 29.39 -13.16
C ILE B 190 9.42 29.70 -11.85
N GLU B 191 8.32 30.43 -11.95
CA GLU B 191 7.64 30.94 -10.76
C GLU B 191 7.23 29.82 -9.82
N GLY B 192 7.61 29.98 -8.54
CA GLY B 192 7.28 29.02 -7.51
C GLY B 192 8.29 27.89 -7.43
N VAL B 193 9.12 27.74 -8.46
CA VAL B 193 10.10 26.67 -8.51
C VAL B 193 11.51 27.18 -8.16
N ASN B 194 12.02 28.17 -8.89
CA ASN B 194 13.19 28.88 -8.39
C ASN B 194 12.87 30.34 -8.02
N THR B 195 11.60 30.60 -7.73
CA THR B 195 11.14 31.85 -7.09
C THR B 195 10.10 31.47 -6.01
N PRO B 196 9.92 32.31 -4.98
CA PRO B 196 8.97 31.93 -3.91
C PRO B 196 7.51 32.16 -4.27
N TYR B 197 6.64 31.33 -3.69
CA TYR B 197 5.20 31.45 -3.80
C TYR B 197 4.65 31.64 -2.41
N LEU B 198 3.64 32.50 -2.31
CA LEU B 198 2.89 32.66 -1.07
C LEU B 198 1.53 32.01 -1.23
N TYR B 199 1.09 31.32 -0.18
CA TYR B 199 -0.22 30.68 -0.17
C TYR B 199 -1.01 31.17 1.02
N PHE B 200 -2.10 31.89 0.75
CA PHE B 200 -3.04 32.27 1.80
C PHE B 200 -4.17 31.26 1.88
N GLY B 201 -4.22 30.52 2.98
CA GLY B 201 -5.19 29.45 3.09
C GLY B 201 -6.35 29.88 3.95
N MET B 202 -7.45 29.15 3.83
CA MET B 202 -8.56 29.24 4.76
C MET B 202 -9.00 27.81 4.99
N TRP B 203 -9.93 27.60 5.92
CA TRP B 203 -10.42 26.25 6.26
C TRP B 203 -10.82 25.44 5.03
N LYS B 204 -10.36 24.20 4.97
CA LYS B 204 -10.80 23.23 3.99
C LYS B 204 -10.23 23.49 2.59
N THR B 205 -9.33 24.47 2.45
CA THR B 205 -8.51 24.57 1.23
C THR B 205 -7.49 23.43 1.23
N SER B 206 -7.26 22.87 0.06
CA SER B 206 -6.50 21.61 -0.06
C SER B 206 -5.38 21.69 -1.08
N PHE B 207 -4.34 20.88 -0.87
CA PHE B 207 -3.43 20.59 -1.97
C PHE B 207 -3.51 19.09 -2.26
N ALA B 208 -3.75 18.78 -3.54
CA ALA B 208 -3.94 17.40 -3.99
C ALA B 208 -2.64 16.61 -3.95
N TRP B 209 -2.77 15.28 -4.06
CA TRP B 209 -1.61 14.40 -4.12
C TRP B 209 -0.69 14.74 -5.30
N HIS B 210 0.57 14.97 -4.99
CA HIS B 210 1.56 15.31 -6.01
C HIS B 210 2.97 15.14 -5.49
N THR B 211 3.91 14.99 -6.42
CA THR B 211 5.32 15.24 -6.16
C THR B 211 5.65 16.59 -6.81
N GLU B 212 6.79 17.17 -6.48
CA GLU B 212 7.14 18.47 -7.04
C GLU B 212 7.43 18.38 -8.56
N ASP B 213 7.42 19.51 -9.25
CA ASP B 213 7.87 19.52 -10.64
C ASP B 213 9.27 18.92 -10.78
N MET B 214 9.48 18.09 -11.81
CA MET B 214 10.79 17.43 -11.99
C MET B 214 11.23 16.63 -10.77
N ASP B 215 10.27 16.28 -9.92
CA ASP B 215 10.52 15.55 -8.68
C ASP B 215 11.60 16.19 -7.82
N LEU B 216 11.60 17.51 -7.75
CA LEU B 216 12.48 18.30 -6.89
C LEU B 216 12.15 18.21 -5.39
N TYR B 217 13.00 18.81 -4.56
CA TYR B 217 12.63 19.07 -3.17
C TYR B 217 11.71 20.28 -3.11
N SER B 218 10.94 20.41 -2.03
CA SER B 218 10.32 21.68 -1.74
C SER B 218 10.54 22.03 -0.28
N ILE B 219 10.42 23.31 0.02
CA ILE B 219 10.44 23.82 1.38
C ILE B 219 9.19 24.67 1.59
N ASN B 220 8.51 24.49 2.72
CA ASN B 220 7.27 25.22 3.01
C ASN B 220 7.40 25.82 4.40
N TYR B 221 7.23 27.13 4.50
CA TYR B 221 7.30 27.81 5.78
C TYR B 221 5.94 28.39 6.09
N LEU B 222 5.37 28.02 7.23
CA LEU B 222 4.09 28.58 7.61
C LEU B 222 4.33 29.85 8.43
N HIS B 223 4.22 31.01 7.78
CA HIS B 223 4.45 32.30 8.42
C HIS B 223 3.56 32.53 9.64
N PHE B 224 2.25 32.37 9.48
CA PHE B 224 1.31 32.58 10.58
C PHE B 224 -0.03 31.91 10.38
N GLY B 225 -0.76 31.74 11.47
CA GLY B 225 -2.15 31.36 11.42
C GLY B 225 -2.38 29.92 11.81
N GLU B 226 -3.54 29.41 11.41
CA GLU B 226 -3.95 28.06 11.75
C GLU B 226 -3.07 26.98 11.09
N PRO B 227 -3.09 25.76 11.62
CA PRO B 227 -2.17 24.77 11.06
C PRO B 227 -2.48 24.35 9.61
N LYS B 228 -1.52 23.61 9.05
CA LYS B 228 -1.62 23.01 7.74
C LYS B 228 -1.31 21.53 7.96
N SER B 229 -2.24 20.65 7.64
CA SER B 229 -1.99 19.24 7.85
C SER B 229 -1.56 18.58 6.55
N TRP B 230 -0.64 17.61 6.68
CA TRP B 230 0.02 16.96 5.56
C TRP B 230 -0.13 15.45 5.60
N TYR B 231 -0.30 14.84 4.43
CA TYR B 231 -0.18 13.40 4.34
C TYR B 231 1.02 13.12 3.46
N SER B 232 1.68 11.99 3.65
CA SER B 232 2.86 11.68 2.86
CA SER B 232 2.84 11.69 2.84
C SER B 232 2.97 10.20 2.58
N VAL B 233 3.45 9.85 1.39
CA VAL B 233 3.76 8.47 1.04
C VAL B 233 5.26 8.39 0.77
N PRO B 234 5.96 7.44 1.39
CA PRO B 234 7.41 7.25 1.17
C PRO B 234 7.73 7.11 -0.31
N PRO B 235 8.82 7.76 -0.77
CA PRO B 235 9.24 7.59 -2.16
C PRO B 235 9.36 6.12 -2.58
N GLU B 236 9.85 5.26 -1.70
CA GLU B 236 10.00 3.87 -2.08
C GLU B 236 8.64 3.17 -2.23
N HIS B 237 7.55 3.84 -1.86
CA HIS B 237 6.22 3.29 -2.14
C HIS B 237 5.42 4.16 -3.12
N GLY B 238 6.05 5.17 -3.71
CA GLY B 238 5.34 6.09 -4.59
C GLY B 238 4.64 5.38 -5.73
N LYS B 239 5.30 4.36 -6.28
CA LYS B 239 4.75 3.67 -7.44
C LYS B 239 3.46 2.93 -7.13
N ARG B 240 3.32 2.48 -5.88
CA ARG B 240 2.12 1.80 -5.45
C ARG B 240 0.97 2.79 -5.43
N LEU B 241 1.26 4.03 -5.03
CA LEU B 241 0.25 5.06 -5.04
C LEU B 241 -0.18 5.36 -6.47
N GLU B 242 0.79 5.47 -7.38
CA GLU B 242 0.48 5.75 -8.78
C GLU B 242 -0.38 4.63 -9.39
N ARG B 243 -0.06 3.38 -9.06
CA ARG B 243 -0.80 2.22 -9.54
C ARG B 243 -2.25 2.27 -9.07
N LEU B 244 -2.44 2.59 -7.78
CA LEU B 244 -3.78 2.78 -7.22
C LEU B 244 -4.53 3.88 -7.95
N ALA B 245 -3.83 4.98 -8.21
CA ALA B 245 -4.47 6.13 -8.81
C ALA B 245 -4.85 5.85 -10.27
N LYS B 246 -3.99 5.13 -11.00
CA LYS B 246 -4.31 4.79 -12.38
C LYS B 246 -5.52 3.86 -12.41
N GLY B 247 -5.67 3.04 -11.37
CA GLY B 247 -6.80 2.13 -11.29
C GLY B 247 -8.12 2.85 -11.04
N PHE B 248 -8.10 3.85 -10.16
CA PHE B 248 -9.31 4.61 -9.86
C PHE B 248 -9.70 5.60 -10.96
N PHE B 249 -8.72 6.05 -11.73
CA PHE B 249 -8.97 6.99 -12.82
C PHE B 249 -8.37 6.54 -14.14
N PRO B 250 -8.91 5.46 -14.73
CA PRO B 250 -8.30 4.90 -15.95
C PRO B 250 -8.34 5.89 -17.11
N GLY B 251 -9.40 6.69 -17.19
CA GLY B 251 -9.51 7.66 -18.26
C GLY B 251 -8.36 8.66 -18.22
N SER B 252 -8.16 9.29 -17.07
CA SER B 252 -7.06 10.23 -16.89
C SER B 252 -5.69 9.57 -17.18
N ALA B 253 -5.53 8.33 -16.73
CA ALA B 253 -4.28 7.60 -16.96
C ALA B 253 -4.04 7.36 -18.45
N GLN B 254 -5.10 7.16 -19.21
CA GLN B 254 -4.91 6.87 -20.64
C GLN B 254 -4.58 8.16 -21.41
N SER B 255 -5.01 9.32 -20.93
CA SER B 255 -4.78 10.55 -21.68
C SER B 255 -3.59 11.38 -21.18
N CYS B 256 -2.99 10.98 -20.08
CA CYS B 256 -1.77 11.64 -19.64
C CYS B 256 -0.86 10.65 -18.91
N GLU B 257 0.45 10.77 -19.15
CA GLU B 257 1.43 9.86 -18.59
C GLU B 257 1.73 10.16 -17.13
N ALA B 258 1.28 11.30 -16.65
CA ALA B 258 1.53 11.68 -15.27
C ALA B 258 0.40 12.53 -14.74
N PHE B 259 -0.83 11.99 -14.77
CA PHE B 259 -2.01 12.83 -14.55
C PHE B 259 -2.07 13.40 -13.12
N LEU B 260 -1.33 12.83 -12.18
CA LEU B 260 -1.27 13.38 -10.81
C LEU B 260 -0.58 14.73 -10.77
N ARG B 261 0.28 14.99 -11.77
CA ARG B 261 0.90 16.30 -11.89
C ARG B 261 -0.11 17.40 -12.17
N HIS B 262 -1.36 17.04 -12.49
CA HIS B 262 -2.41 18.05 -12.65
C HIS B 262 -2.84 18.64 -11.30
N LYS B 263 -2.53 17.92 -10.22
CA LYS B 263 -2.82 18.32 -8.84
C LYS B 263 -4.32 18.50 -8.60
N MET B 264 -5.12 17.55 -9.10
CA MET B 264 -6.55 17.65 -8.98
C MET B 264 -7.11 16.50 -8.16
N THR B 265 -6.25 15.57 -7.77
CA THR B 265 -6.70 14.30 -7.24
C THR B 265 -6.52 14.16 -5.73
N LEU B 266 -7.62 13.99 -5.01
CA LEU B 266 -7.57 13.84 -3.56
C LEU B 266 -7.96 12.42 -3.22
N ILE B 267 -7.20 11.82 -2.32
CA ILE B 267 -7.43 10.46 -1.86
C ILE B 267 -7.29 10.44 -0.34
N SER B 268 -8.34 10.01 0.36
CA SER B 268 -8.37 10.03 1.82
C SER B 268 -7.43 8.99 2.42
N PRO B 269 -6.97 9.24 3.65
CA PRO B 269 -6.11 8.25 4.30
C PRO B 269 -6.83 6.89 4.47
N LEU B 270 -8.14 6.88 4.69
CA LEU B 270 -8.87 5.61 4.80
C LEU B 270 -8.80 4.80 3.50
N MET B 271 -8.80 5.49 2.37
CA MET B 271 -8.68 4.81 1.08
C MET B 271 -7.29 4.22 0.97
N LEU B 272 -6.28 4.99 1.36
CA LEU B 272 -4.90 4.51 1.30
C LEU B 272 -4.75 3.28 2.19
N LYS B 273 -5.36 3.33 3.37
CA LYS B 273 -5.25 2.24 4.34
C LYS B 273 -5.89 1.01 3.75
N LYS B 274 -7.08 1.22 3.18
CA LYS B 274 -7.84 0.15 2.55
C LYS B 274 -7.01 -0.60 1.50
N TYR B 275 -6.14 0.11 0.79
CA TYR B 275 -5.38 -0.56 -0.24
C TYR B 275 -3.89 -0.76 0.11
N GLY B 276 -3.57 -0.73 1.39
CA GLY B 276 -2.24 -1.10 1.85
C GLY B 276 -1.12 -0.19 1.37
N ILE B 277 -1.45 1.07 1.07
CA ILE B 277 -0.43 2.07 0.79
C ILE B 277 0.13 2.67 2.07
N PRO B 278 1.44 2.49 2.31
CA PRO B 278 2.01 3.12 3.51
C PRO B 278 2.00 4.65 3.39
N PHE B 279 1.62 5.32 4.46
CA PHE B 279 1.60 6.77 4.50
C PHE B 279 1.76 7.24 5.95
N ASP B 280 2.12 8.50 6.12
CA ASP B 280 2.19 9.11 7.44
C ASP B 280 1.46 10.47 7.37
N LYS B 281 1.09 11.01 8.53
CA LYS B 281 0.43 12.32 8.65
C LYS B 281 1.24 13.19 9.58
N VAL B 282 1.21 14.50 9.38
CA VAL B 282 1.81 15.42 10.32
C VAL B 282 1.07 16.73 10.18
N THR B 283 0.96 17.44 11.28
CA THR B 283 0.35 18.77 11.27
C THR B 283 1.42 19.83 11.46
N GLN B 284 1.42 20.81 10.56
CA GLN B 284 2.41 21.87 10.57
C GLN B 284 1.83 23.12 11.23
N GLU B 285 2.53 23.67 12.22
CA GLU B 285 2.05 24.88 12.90
C GLU B 285 2.87 26.10 12.50
N ALA B 286 2.31 27.29 12.74
CA ALA B 286 2.96 28.56 12.42
C ALA B 286 4.40 28.58 12.92
N GLY B 287 5.31 29.08 12.10
CA GLY B 287 6.72 29.09 12.44
C GLY B 287 7.48 27.81 12.17
N GLU B 288 6.83 26.82 11.57
CA GLU B 288 7.49 25.56 11.29
C GLU B 288 7.73 25.34 9.78
N PHE B 289 8.87 24.76 9.46
CA PHE B 289 9.19 24.40 8.10
C PHE B 289 8.78 22.97 7.82
N MET B 290 8.30 22.73 6.61
CA MET B 290 8.20 21.36 6.07
C MET B 290 9.16 21.23 4.89
N ILE B 291 9.83 20.09 4.81
CA ILE B 291 10.65 19.78 3.65
C ILE B 291 10.05 18.57 2.94
N THR B 292 9.79 18.67 1.64
CA THR B 292 9.45 17.43 0.93
C THR B 292 10.64 16.99 0.09
N PHE B 293 10.73 15.68 -0.16
CA PHE B 293 11.92 15.10 -0.77
C PHE B 293 11.59 14.58 -2.15
N PRO B 294 12.61 14.38 -3.01
CA PRO B 294 12.35 13.95 -4.39
C PRO B 294 11.44 12.74 -4.46
N TYR B 295 10.41 12.82 -5.29
CA TYR B 295 9.44 11.75 -5.47
C TYR B 295 8.66 11.42 -4.19
N GLY B 296 8.59 12.36 -3.27
CA GLY B 296 7.72 12.20 -2.11
C GLY B 296 6.32 12.70 -2.39
N TYR B 297 5.37 11.79 -2.59
CA TYR B 297 3.98 12.23 -2.74
C TYR B 297 3.46 12.83 -1.42
N HIS B 298 2.83 13.99 -1.52
CA HIS B 298 2.14 14.59 -0.39
C HIS B 298 0.81 15.22 -0.82
N ALA B 299 -0.06 15.43 0.16
CA ALA B 299 -1.33 16.10 0.00
C ALA B 299 -1.70 16.68 1.35
N GLY B 300 -2.70 17.56 1.40
CA GLY B 300 -3.15 18.05 2.69
C GLY B 300 -4.18 19.15 2.62
N PHE B 301 -4.38 19.84 3.74
CA PHE B 301 -5.38 20.88 3.85
C PHE B 301 -5.05 21.89 4.94
N ASN B 302 -5.60 23.07 4.80
CA ASN B 302 -5.42 24.11 5.83
C ASN B 302 -6.54 24.08 6.86
N HIS B 303 -6.18 24.29 8.12
CA HIS B 303 -7.15 24.33 9.22
C HIS B 303 -7.97 25.61 9.21
N GLY B 304 -7.38 26.69 8.72
CA GLY B 304 -8.07 27.97 8.68
C GLY B 304 -7.20 29.02 8.03
N PHE B 305 -7.55 30.29 8.22
CA PHE B 305 -6.74 31.38 7.70
C PHE B 305 -5.27 31.23 8.13
N ASN B 306 -4.38 31.28 7.15
CA ASN B 306 -2.95 31.13 7.41
C ASN B 306 -2.21 31.60 6.19
N CYS B 307 -0.89 31.51 6.25
CA CYS B 307 -0.06 31.99 5.17
C CYS B 307 1.24 31.22 5.13
N ALA B 308 1.52 30.61 3.97
CA ALA B 308 2.72 29.80 3.82
C ALA B 308 3.53 30.30 2.64
N GLU B 309 4.83 30.09 2.74
CA GLU B 309 5.74 30.47 1.70
C GLU B 309 6.50 29.20 1.28
N SER B 310 6.70 29.04 -0.02
CA SER B 310 7.37 27.84 -0.49
C SER B 310 8.11 28.03 -1.81
N THR B 311 9.09 27.16 -2.05
CA THR B 311 9.78 27.11 -3.31
C THR B 311 10.39 25.72 -3.47
N ASN B 312 10.98 25.44 -4.63
CA ASN B 312 11.67 24.16 -4.77
C ASN B 312 13.18 24.32 -4.57
N PHE B 313 13.87 23.22 -4.31
CA PHE B 313 15.32 23.28 -4.30
C PHE B 313 15.88 21.92 -4.68
N ALA B 314 17.19 21.81 -4.80
CA ALA B 314 17.81 20.56 -5.23
C ALA B 314 19.03 20.20 -4.40
N THR B 315 19.40 18.93 -4.45
CA THR B 315 20.69 18.45 -3.96
C THR B 315 21.27 17.63 -5.09
N ARG B 316 22.51 17.17 -4.94
CA ARG B 316 23.15 16.35 -5.95
C ARG B 316 22.34 15.08 -6.20
N ARG B 317 21.74 14.55 -5.13
CA ARG B 317 20.88 13.37 -5.22
C ARG B 317 19.69 13.58 -6.16
N TRP B 318 19.15 14.80 -6.21
CA TRP B 318 17.96 15.05 -7.03
C TRP B 318 18.22 14.76 -8.51
N ILE B 319 19.46 14.98 -8.95
CA ILE B 319 19.78 14.95 -10.38
C ILE B 319 19.27 13.67 -11.06
N GLU B 320 19.49 12.52 -10.45
CA GLU B 320 18.98 11.27 -11.04
C GLU B 320 17.44 11.28 -11.09
N TYR B 321 16.80 11.80 -10.06
CA TYR B 321 15.35 11.93 -10.09
C TYR B 321 14.93 12.83 -11.25
N GLY B 322 15.61 13.97 -11.38
CA GLY B 322 15.39 14.86 -12.50
C GLY B 322 15.44 14.15 -13.83
N LYS B 323 16.47 13.34 -14.03
CA LYS B 323 16.66 12.62 -15.29
C LYS B 323 15.52 11.64 -15.55
N GLN B 324 14.96 11.09 -14.49
CA GLN B 324 13.98 10.02 -14.65
C GLN B 324 12.53 10.44 -14.37
N ALA B 325 12.30 11.73 -14.16
CA ALA B 325 10.96 12.22 -13.83
C ALA B 325 10.01 12.00 -15.00
N VAL B 326 8.84 11.42 -14.73
CA VAL B 326 7.86 11.26 -15.80
C VAL B 326 6.94 12.46 -15.75
N LEU B 327 6.96 13.24 -16.83
CA LEU B 327 6.27 14.51 -16.87
C LEU B 327 4.89 14.39 -17.49
N CYS B 328 4.03 15.36 -17.19
CA CYS B 328 2.70 15.46 -17.80
C CYS B 328 2.85 15.63 -19.31
N SER B 329 2.03 14.90 -20.06
CA SER B 329 2.18 14.82 -21.51
C SER B 329 1.00 15.42 -22.28
N CYS B 330 0.08 16.07 -21.58
CA CYS B 330 -1.16 16.49 -22.21
C CYS B 330 -1.34 18.00 -22.17
N ARG B 331 -0.43 18.68 -21.48
CA ARG B 331 -0.45 20.13 -21.40
C ARG B 331 0.89 20.66 -21.87
N LYS B 332 0.91 21.88 -22.38
CA LYS B 332 2.14 22.51 -22.85
C LYS B 332 2.67 23.52 -21.83
N ASP B 333 1.82 23.90 -20.88
CA ASP B 333 2.21 24.89 -19.86
C ASP B 333 2.90 24.24 -18.65
N MET B 334 3.33 22.99 -18.80
CA MET B 334 3.89 22.25 -17.68
C MET B 334 5.39 22.49 -17.53
N VAL B 335 5.88 22.31 -16.32
CA VAL B 335 7.28 22.63 -16.03
C VAL B 335 8.24 21.53 -16.45
N LYS B 336 9.22 21.92 -17.25
CA LYS B 336 10.26 21.03 -17.71
C LYS B 336 11.59 21.72 -17.56
N ILE B 337 12.50 21.09 -16.85
CA ILE B 337 13.84 21.63 -16.67
C ILE B 337 14.79 20.77 -17.50
N SER B 338 15.63 21.42 -18.30
CA SER B 338 16.67 20.72 -19.04
C SER B 338 17.69 20.12 -18.07
N MET B 339 17.87 18.82 -18.15
CA MET B 339 18.78 18.13 -17.23
C MET B 339 20.24 18.21 -17.71
N ASP B 340 20.43 18.56 -18.97
CA ASP B 340 21.73 18.57 -19.64
C ASP B 340 22.87 19.17 -18.79
N VAL B 341 22.67 20.39 -18.31
CA VAL B 341 23.72 21.07 -17.61
C VAL B 341 24.07 20.38 -16.28
N PHE B 342 23.09 19.72 -15.67
CA PHE B 342 23.34 19.03 -14.41
C PHE B 342 24.14 17.76 -14.66
N VAL B 343 23.82 17.04 -15.74
CA VAL B 343 24.55 15.81 -16.03
C VAL B 343 26.00 16.11 -16.45
N ARG B 344 26.21 17.18 -17.22
CA ARG B 344 27.57 17.54 -17.63
C ARG B 344 28.43 17.91 -16.43
N LYS B 345 27.87 18.75 -15.54
CA LYS B 345 28.64 19.23 -14.41
C LYS B 345 28.86 18.19 -13.30
N PHE B 346 27.85 17.36 -13.01
CA PHE B 346 27.95 16.44 -11.85
C PHE B 346 27.97 14.95 -12.21
N GLN B 347 27.68 14.60 -13.45
CA GLN B 347 27.83 13.21 -13.86
C GLN B 347 28.58 13.04 -15.19
N PRO B 348 29.74 13.72 -15.36
CA PRO B 348 30.35 13.82 -16.70
C PRO B 348 30.64 12.48 -17.33
N GLU B 349 31.04 11.50 -16.53
CA GLU B 349 31.32 10.18 -17.05
C GLU B 349 30.07 9.51 -17.60
N ARG B 350 28.89 9.98 -17.16
CA ARG B 350 27.63 9.38 -17.62
C ARG B 350 26.99 10.12 -18.79
N TYR B 351 27.51 11.30 -19.13
CA TYR B 351 26.85 12.17 -20.10
C TYR B 351 26.62 11.51 -21.47
N LYS B 352 27.67 10.94 -22.06
CA LYS B 352 27.55 10.32 -23.36
C LYS B 352 26.59 9.14 -23.29
N LEU B 353 26.68 8.38 -22.20
CA LEU B 353 25.78 7.24 -22.02
C LEU B 353 24.32 7.71 -21.93
N TRP B 354 24.10 8.78 -21.19
CA TRP B 354 22.76 9.29 -20.97
C TRP B 354 22.15 9.87 -22.23
N LYS B 355 22.94 10.67 -22.94
CA LYS B 355 22.51 11.30 -24.19
C LYS B 355 22.14 10.23 -25.23
N ALA B 356 22.84 9.09 -25.19
CA ALA B 356 22.59 8.00 -26.13
C ALA B 356 21.52 7.04 -25.61
N GLY B 357 20.74 7.47 -24.63
CA GLY B 357 19.65 6.66 -24.09
C GLY B 357 20.01 5.37 -23.39
N LYS B 358 21.28 5.20 -23.00
CA LYS B 358 21.72 3.93 -22.45
C LYS B 358 22.08 4.01 -20.95
N ASP B 359 21.70 5.09 -20.28
CA ASP B 359 21.95 5.24 -18.84
C ASP B 359 20.84 4.55 -18.04
N ASN B 360 21.15 3.39 -17.49
CA ASN B 360 20.13 2.55 -16.86
C ASN B 360 20.24 2.53 -15.34
N THR B 361 20.85 3.58 -14.79
CA THR B 361 20.94 3.80 -13.34
C THR B 361 19.60 3.57 -12.65
N VAL B 362 19.60 2.76 -11.60
CA VAL B 362 18.38 2.51 -10.85
C VAL B 362 18.43 3.37 -9.60
N ILE B 363 17.33 4.03 -9.26
CA ILE B 363 17.32 4.84 -8.04
C ILE B 363 17.07 4.04 -6.74
N ASP B 364 17.98 4.19 -5.79
CA ASP B 364 17.78 3.73 -4.40
C ASP B 364 17.27 4.87 -3.55
N HIS B 365 15.98 4.84 -3.22
CA HIS B 365 15.35 5.90 -2.45
C HIS B 365 15.87 6.03 -1.03
N THR B 366 16.56 5.00 -0.53
CA THR B 366 17.03 5.04 0.86
C THR B 366 18.35 5.77 0.98
N LEU B 367 19.15 5.79 -0.09
CA LEU B 367 20.46 6.47 -0.02
C LEU B 367 20.33 7.97 0.23
N PRO B 368 21.15 8.51 1.15
CA PRO B 368 21.19 9.96 1.30
C PRO B 368 22.01 10.65 0.21
N THR B 369 21.85 11.96 0.09
CA THR B 369 22.61 12.76 -0.86
C THR B 369 24.10 12.69 -0.50
N PRO B 370 24.98 12.70 -1.52
CA PRO B 370 26.44 12.61 -1.33
C PRO B 370 26.99 13.62 -0.31
N GLU B 371 26.42 14.82 -0.26
CA GLU B 371 26.89 15.87 0.66
C GLU B 371 26.76 15.47 2.12
N ALA B 372 26.04 14.38 2.38
CA ALA B 372 25.85 13.83 3.72
C ALA B 372 27.07 13.08 4.22
N ALA B 373 28.04 12.82 3.33
CA ALA B 373 29.24 12.05 3.67
C ALA B 373 30.01 12.71 4.81
N GLU B 374 29.87 14.02 4.93
CA GLU B 374 30.41 14.76 6.07
C GLU B 374 29.87 14.22 7.41
N PHE B 375 28.66 13.66 7.38
CA PHE B 375 27.99 13.16 8.59
C PHE B 375 27.91 11.63 8.68
N LEU B 376 28.51 10.94 7.71
CA LEU B 376 28.45 9.47 7.70
C LEU B 376 29.85 8.85 7.76
MN MN C . -4.97 -22.03 0.14
ZN ZN D . -6.35 -35.25 -9.96
C1 EDO E . -5.28 -25.19 5.76
O1 EDO E . -5.76 -26.52 5.50
C2 EDO E . -5.39 -24.38 4.47
O2 EDO E . -6.69 -24.64 3.92
C1 EDO F . -14.45 -23.35 10.17
O1 EDO F . -13.54 -24.38 10.58
C2 EDO F . -15.89 -23.82 10.15
O2 EDO F . -16.67 -22.92 10.94
C1 EDO G . -23.69 -35.20 -2.36
O1 EDO G . -24.80 -34.76 -3.13
C2 EDO G . -22.48 -34.45 -2.90
O2 EDO G . -22.86 -33.08 -3.11
C1 EDO H . -8.15 -27.39 -14.47
O1 EDO H . -7.97 -28.81 -14.48
C2 EDO H . -7.43 -26.77 -13.27
O2 EDO H . -7.79 -27.41 -12.05
C1 EDO I . 0.80 -30.89 -12.12
O1 EDO I . 0.17 -32.11 -12.54
C2 EDO I . 1.39 -30.12 -13.31
O2 EDO I . 2.22 -29.03 -12.80
C1 EDO J . -17.36 -23.38 -10.40
O1 EDO J . -16.28 -23.93 -11.19
C2 EDO J . -17.08 -21.95 -9.92
O2 EDO J . -16.83 -21.11 -11.06
C1 EDO K . 17.62 -19.54 15.66
O1 EDO K . 17.93 -20.92 15.93
C2 EDO K . 16.92 -18.94 16.88
O2 EDO K . 16.19 -17.77 16.49
O3 S2X L . -2.19 -29.84 0.43
C1 S2X L . -1.24 -29.03 0.35
C S2X L . 0.19 -29.42 0.66
N S2X L . -1.41 -27.68 -0.06
C2 S2X L . -2.40 -26.72 0.36
C7 S2X L . -1.95 -25.41 0.61
C6 S2X L . -2.87 -24.43 0.98
C5 S2X L . -4.26 -24.73 1.07
O2 S2X L . -5.08 -23.69 1.42
C4 S2X L . -4.72 -26.03 0.83
C3 S2X L . -3.79 -27.02 0.48
C8 S2X L . -2.33 -23.10 1.27
N1 S2X L . -3.08 -22.00 0.84
C12 S2X L . -2.59 -20.79 1.21
C11 S2X L . -1.41 -20.60 1.95
C10 S2X L . -0.69 -21.74 2.32
C9 S2X L . -1.14 -23.02 2.00
C13 S2X L . 0.59 -21.65 3.06
O1 S2X L . 0.93 -20.74 3.80
O S2X L . 1.46 -22.67 2.89
S DMS M . 2.38 -32.45 -19.45
O DMS M . 1.10 -32.32 -20.20
C1 DMS M . 2.04 -32.30 -17.69
C2 DMS M . 3.35 -30.92 -19.69
MN MN N . 4.21 20.20 -2.86
ZN ZN O . -1.13 15.94 -18.18
C1 EDO P . 6.73 25.28 -4.19
O1 EDO P . 6.25 23.93 -4.20
C2 EDO P . 5.75 26.14 -4.99
O2 EDO P . 5.59 25.52 -6.28
C1 EDO Q . 0.00 8.71 -12.56
O1 EDO Q . -0.15 9.03 -13.95
C2 EDO Q . 1.17 9.49 -11.96
O2 EDO Q . 0.95 10.90 -12.16
C1 EDO R . 17.66 17.36 -22.19
O1 EDO R . 18.53 18.26 -21.48
C2 EDO R . 16.37 17.31 -21.39
O2 EDO R . 16.70 17.05 -20.00
C1 EDO S . -22.32 15.22 -2.71
O1 EDO S . -22.88 14.13 -3.45
C2 EDO S . -20.79 15.20 -2.79
O2 EDO S . -20.20 14.08 -2.09
C1 EDO T . 15.12 28.53 -5.11
O1 EDO T . 15.68 27.33 -4.52
C2 EDO T . 15.93 29.76 -4.72
O2 EDO T . 15.86 30.02 -3.31
C1 EDO U . -11.68 9.92 8.55
O1 EDO U . -12.30 10.04 7.28
C2 EDO U . -10.40 10.76 8.60
O2 EDO U . -9.26 9.89 8.81
C1 EDO V . 14.22 0.50 -2.02
O1 EDO V . 12.93 0.51 -2.63
C2 EDO V . 14.86 1.87 -2.16
O2 EDO V . 14.61 2.35 -3.49
C1 EDO W . -2.55 31.41 -10.33
O1 EDO W . -3.76 30.94 -9.70
C2 EDO W . -1.76 30.25 -10.96
O2 EDO W . -0.55 30.73 -11.54
O3 S2X X . 0.29 24.41 -8.50
C1 S2X X . -0.55 23.68 -7.93
C S2X X . -1.97 23.45 -8.45
N S2X X . -0.27 22.99 -6.73
C2 S2X X . 0.99 22.81 -6.08
C7 S2X X . 0.94 22.66 -4.69
C6 S2X X . 2.11 22.37 -4.00
C5 S2X X . 3.35 22.21 -4.70
O2 S2X X . 4.44 21.83 -3.95
C4 S2X X . 3.39 22.39 -6.08
C3 S2X X . 2.22 22.70 -6.78
C8 S2X X . 2.02 22.34 -2.58
N1 S2X X . 2.71 21.35 -1.91
C12 S2X X . 2.61 21.31 -0.59
C11 S2X X . 1.84 22.23 0.16
C10 S2X X . 1.16 23.21 -0.58
C9 S2X X . 1.23 23.29 -1.95
C13 S2X X . 0.28 24.15 0.09
O1 S2X X . 0.46 24.65 1.18
O S2X X . -0.86 24.46 -0.62
S DMS Y . -11.28 8.88 -15.31
O DMS Y . -11.64 7.52 -15.81
C1 DMS Y . -12.55 9.41 -14.14
C2 DMS Y . -11.38 10.11 -16.64
#